data_9CQ7
#
_entry.id   9CQ7
#
_cell.length_a   1.00
_cell.length_b   1.00
_cell.length_c   1.00
_cell.angle_alpha   90.00
_cell.angle_beta   90.00
_cell.angle_gamma   90.00
#
_symmetry.space_group_name_H-M   'P 1'
#
loop_
_entity.id
_entity.type
_entity.pdbx_description
1 polymer 'G115 TCR delta chain'
2 polymer 'G115 TCR gamma chain'
3 polymer 'anti TCR variable delta 2 Fab heavy chain'
4 polymer 'anti TCR variable delta 2 Fab light chain'
5 branched 2-acetamido-2-deoxy-beta-D-glucopyranose-(1-4)-2-acetamido-2-deoxy-beta-D-glucopyranose
6 non-polymer 2-acetamido-2-deoxy-beta-D-glucopyranose
#
loop_
_entity_poly.entity_id
_entity_poly.type
_entity_poly.pdbx_seq_one_letter_code
_entity_poly.pdbx_strand_id
1 'polypeptide(L)'
;AIELVPEHQTVPVSIGVPATLRCSMKGEAIGNYYINWYRKTQGNTMTFIYREKDIYGPGFKDNFQGDIDIAKNLAVLKIL
APSERDEGSYYCACDTLGMGGEYTDKLIFGKGTRVTVEPRSQPHTKPSVFVMKNGTNVACLVKEFYPKDIRINLVSSKKI
TEFDPAIVISPSGKYNAVKLGKYEDSNSVTCSVQHDNKTVHSTDFEVKTDSTDHVKPKETENTKQPSKSCHKPKAIVHTE
KVNMMSLTVLGLRMLFAKTVAVNFLLTAKLFFLSRGRAKRGSG
;
D
2 'polypeptide(L)'
;AGHLEQPQISSTKTLSKTARLECVVSGITISATSVYWYRERPGEVIQFLVSISYDGTVRKESGIPSGKFEVDRIPETSTS
TLTIHNVEKQDIATYYCALWEAQQELGKKIKVFGPGTKLIITDKQLDADVSPKPTIFLPSIAETKLQKAGTYLCLLEKFF
PDVIKIHWQEKKSNTILGSQEGNTMKTNDTYMKFSWLTVPEKSLDKEHRCIVRHENNKNGVDQEIIFPPIKTDVITMDPK
DNCSKDANDTLLLQLTNTSAYYMYLLLLLKSVVYFAIITCCLLRRTAFCCNGEKS
;
G
3 'polypeptide(L)'
;QVQLQQPGAELVKPGASVKLSCKASGYTFTNHWISWVKQRPGQGLEWIGNIFPGSSSPNYNEKFKSKATLTVDTSSSTAY
MQLSSLTSDASAVYYCTRWGNYGYYYAMDYWGQGTSVTVSSAKTTPPSVYPLAPGSAAQTNSMVTLGCLVKGYFPEPVTV
TWNSGSLSSGVHTFPAVLQSDLYTLSSSVTVPSSTWPSETVTCNVAHPASSTKVDKKIVPRDCG
;
H
4 'polypeptide(L)'
;QIVLTQSPAIMSASLGEEITLTCSASSRVNYMHWYQQKSGTSPKLLIYSTSNLASGVPSRFSGSGSGTFYSLTIISVEAE
DAADYYCHQWSSYPTFGGGTKLEIKRADAAPTVSIFPPSSEQLTSGGASVVCFLNNFYPKDINVKWKIDGSERQNGVLNS
WTDQDSKDSTYSMSSTLTLTKDEYERHNSYTCEATHKTSTSPIVKSFNRGEC
;
I
#
# COMPACT_ATOMS: atom_id res chain seq x y z
N ALA A 1 -1.04 -27.09 1.24
CA ALA A 1 -0.85 -26.71 -0.15
C ALA A 1 0.49 -26.01 -0.34
N ILE A 2 0.59 -25.23 -1.42
CA ILE A 2 1.78 -24.45 -1.73
C ILE A 2 1.57 -23.02 -1.26
N GLU A 3 2.56 -22.49 -0.54
CA GLU A 3 2.51 -21.13 -0.03
C GLU A 3 3.75 -20.37 -0.48
N LEU A 4 3.54 -19.14 -0.94
CA LEU A 4 4.61 -18.20 -1.21
C LEU A 4 4.45 -17.02 -0.25
N VAL A 5 5.48 -16.76 0.54
CA VAL A 5 5.46 -15.66 1.49
C VAL A 5 6.52 -14.64 1.08
N PRO A 6 6.15 -13.40 0.77
CA PRO A 6 7.15 -12.40 0.43
C PRO A 6 7.95 -12.00 1.66
N GLU A 7 9.19 -11.58 1.43
CA GLU A 7 10.07 -11.25 2.54
C GLU A 7 9.54 -10.05 3.32
N HIS A 8 9.16 -8.99 2.62
CA HIS A 8 8.68 -7.77 3.25
C HIS A 8 7.28 -7.42 2.74
N GLN A 9 6.41 -7.00 3.65
CA GLN A 9 5.12 -6.46 3.23
C GLN A 9 5.22 -5.03 2.73
N THR A 10 6.34 -4.35 3.01
CA THR A 10 6.60 -3.02 2.47
C THR A 10 8.09 -2.74 2.64
N VAL A 11 8.70 -2.14 1.63
CA VAL A 11 10.12 -1.83 1.68
C VAL A 11 10.41 -0.60 0.83
N PRO A 12 10.89 0.49 1.43
CA PRO A 12 11.21 1.68 0.65
C PRO A 12 12.57 1.56 -0.01
N VAL A 13 12.63 1.98 -1.27
CA VAL A 13 13.87 2.00 -2.03
C VAL A 13 14.06 3.41 -2.58
N SER A 14 15.31 3.82 -2.75
CA SER A 14 15.64 5.13 -3.25
C SER A 14 16.12 5.04 -4.70
N ILE A 15 16.09 6.18 -5.38
CA ILE A 15 16.43 6.25 -6.79
C ILE A 15 17.94 6.11 -6.97
N GLY A 16 18.36 5.17 -7.81
CA GLY A 16 19.74 5.04 -8.21
C GLY A 16 20.49 3.89 -7.59
N VAL A 17 19.99 3.30 -6.52
CA VAL A 17 20.66 2.20 -5.83
C VAL A 17 19.89 0.92 -6.11
N PRO A 18 20.57 -0.16 -6.52
CA PRO A 18 19.85 -1.41 -6.80
C PRO A 18 19.23 -2.01 -5.55
N ALA A 19 18.11 -2.71 -5.75
CA ALA A 19 17.39 -3.36 -4.66
C ALA A 19 16.98 -4.76 -5.12
N THR A 20 16.74 -5.64 -4.16
CA THR A 20 16.31 -7.00 -4.41
C THR A 20 15.02 -7.29 -3.67
N LEU A 21 14.22 -8.20 -4.23
CA LEU A 21 12.99 -8.67 -3.60
C LEU A 21 12.96 -10.19 -3.66
N ARG A 22 12.54 -10.81 -2.55
CA ARG A 22 12.56 -12.26 -2.44
C ARG A 22 11.20 -12.76 -2.00
N CYS A 23 10.71 -13.79 -2.68
CA CYS A 23 9.50 -14.51 -2.30
C CYS A 23 9.89 -15.92 -1.91
N SER A 24 9.48 -16.33 -0.70
CA SER A 24 9.93 -17.58 -0.13
C SER A 24 9.01 -18.72 -0.54
N MET A 25 9.61 -19.87 -0.84
CA MET A 25 8.90 -21.04 -1.35
C MET A 25 8.82 -22.07 -0.23
N LYS A 26 7.76 -21.97 0.57
CA LYS A 26 7.51 -22.95 1.63
C LYS A 26 6.71 -24.10 1.02
N GLY A 27 7.40 -24.89 0.21
CA GLY A 27 6.77 -25.97 -0.50
C GLY A 27 7.76 -27.08 -0.79
N GLU A 28 7.42 -27.89 -1.80
CA GLU A 28 8.20 -29.08 -2.08
C GLU A 28 9.61 -28.73 -2.53
N ALA A 29 9.74 -27.87 -3.54
CA ALA A 29 11.04 -27.55 -4.11
C ALA A 29 10.91 -26.34 -5.03
N ILE A 30 11.88 -25.44 -4.97
CA ILE A 30 11.86 -24.26 -5.82
C ILE A 30 12.33 -24.60 -7.23
N GLY A 31 13.21 -25.60 -7.36
CA GLY A 31 13.75 -25.93 -8.67
C GLY A 31 12.72 -26.48 -9.62
N ASN A 32 11.78 -27.28 -9.11
CA ASN A 32 10.82 -27.96 -9.97
C ASN A 32 9.88 -26.96 -10.67
N TYR A 33 9.41 -25.96 -9.93
CA TYR A 33 8.39 -25.05 -10.44
C TYR A 33 9.04 -23.94 -11.28
N TYR A 34 8.19 -23.17 -11.95
CA TYR A 34 8.60 -21.99 -12.69
C TYR A 34 8.11 -20.75 -11.95
N ILE A 35 8.98 -19.73 -11.86
CA ILE A 35 8.71 -18.55 -11.05
C ILE A 35 8.49 -17.35 -11.96
N ASN A 36 7.40 -16.64 -11.75
CA ASN A 36 7.08 -15.41 -12.47
C ASN A 36 7.20 -14.22 -11.53
N TRP A 37 6.96 -13.04 -12.08
CA TRP A 37 6.97 -11.80 -11.32
C TRP A 37 6.00 -10.82 -11.97
N TYR A 38 5.25 -10.10 -11.14
CA TYR A 38 4.25 -9.16 -11.62
C TYR A 38 4.37 -7.84 -10.87
N ARG A 39 3.90 -6.77 -11.52
CA ARG A 39 3.94 -5.43 -10.96
C ARG A 39 2.58 -4.78 -11.17
N LYS A 40 2.13 -4.02 -10.17
CA LYS A 40 0.88 -3.27 -10.27
C LYS A 40 1.20 -1.82 -9.90
N THR A 41 1.68 -1.07 -10.89
CA THR A 41 1.99 0.34 -10.66
C THR A 41 0.74 1.19 -10.64
N GLN A 42 -0.23 0.87 -11.51
CA GLN A 42 -1.48 1.60 -11.55
C GLN A 42 -2.39 1.05 -10.45
N GLY A 43 -3.66 1.45 -10.45
CA GLY A 43 -4.55 1.00 -9.40
C GLY A 43 -4.76 -0.50 -9.39
N ASN A 44 -5.03 -1.08 -10.58
CA ASN A 44 -5.28 -2.51 -10.69
C ASN A 44 -4.60 -3.14 -11.90
N THR A 45 -3.71 -2.42 -12.58
CA THR A 45 -3.15 -2.89 -13.85
C THR A 45 -2.00 -3.84 -13.57
N MET A 46 -2.21 -5.14 -13.80
CA MET A 46 -1.15 -6.12 -13.64
C MET A 46 -0.17 -6.02 -14.80
N THR A 47 1.11 -6.23 -14.51
CA THR A 47 2.17 -6.05 -15.50
C THR A 47 3.19 -7.17 -15.34
N PHE A 48 3.26 -8.06 -16.33
CA PHE A 48 4.20 -9.17 -16.29
C PHE A 48 5.63 -8.65 -16.39
N ILE A 49 6.51 -9.19 -15.56
CA ILE A 49 7.90 -8.74 -15.50
C ILE A 49 8.88 -9.81 -15.98
N TYR A 50 8.81 -11.02 -15.40
CA TYR A 50 9.83 -12.02 -15.66
C TYR A 50 9.25 -13.42 -15.45
N ARG A 51 9.21 -14.22 -16.52
CA ARG A 51 8.93 -15.64 -16.40
C ARG A 51 10.26 -16.35 -16.13
N GLU A 52 10.19 -17.63 -15.72
CA GLU A 52 11.31 -18.28 -15.05
C GLU A 52 12.60 -18.22 -15.85
N LYS A 53 12.55 -18.54 -17.14
CA LYS A 53 13.77 -18.74 -17.93
C LYS A 53 13.93 -17.66 -18.98
N ASP A 54 14.53 -16.54 -18.59
CA ASP A 54 15.08 -15.54 -19.50
C ASP A 54 14.09 -15.11 -20.58
N ILE A 55 12.86 -14.84 -20.16
CA ILE A 55 11.86 -14.20 -21.02
C ILE A 55 11.13 -13.15 -20.21
N TYR A 56 11.48 -11.88 -20.45
CA TYR A 56 10.98 -10.77 -19.66
C TYR A 56 9.74 -10.17 -20.32
N GLY A 57 9.30 -9.03 -19.84
CA GLY A 57 8.19 -8.34 -20.43
C GLY A 57 8.65 -7.30 -21.43
N PRO A 58 7.76 -6.37 -21.80
CA PRO A 58 8.13 -5.29 -22.72
C PRO A 58 8.90 -4.20 -21.99
N GLY A 59 10.21 -4.14 -22.24
CA GLY A 59 11.05 -3.14 -21.63
C GLY A 59 11.49 -3.42 -20.21
N PHE A 60 11.39 -4.67 -19.75
CA PHE A 60 11.82 -5.02 -18.40
C PHE A 60 13.14 -5.79 -18.37
N LYS A 61 13.68 -6.16 -19.52
CA LYS A 61 14.97 -6.86 -19.53
C LYS A 61 16.08 -5.96 -19.01
N ASP A 62 16.06 -4.68 -19.38
CA ASP A 62 17.11 -3.75 -18.97
C ASP A 62 16.94 -3.33 -17.51
N ASN A 63 15.72 -2.99 -17.10
CA ASN A 63 15.53 -2.43 -15.76
C ASN A 63 15.63 -3.50 -14.68
N PHE A 64 15.03 -4.66 -14.89
CA PHE A 64 14.90 -5.67 -13.86
C PHE A 64 15.79 -6.87 -14.15
N GLN A 65 15.94 -7.73 -13.15
CA GLN A 65 16.75 -8.93 -13.25
C GLN A 65 16.20 -9.96 -12.28
N GLY A 66 16.10 -11.21 -12.74
CA GLY A 66 15.58 -12.28 -11.92
C GLY A 66 16.55 -13.44 -11.84
N ASP A 67 16.49 -14.15 -10.71
CA ASP A 67 17.34 -15.31 -10.50
C ASP A 67 16.71 -16.17 -9.41
N ILE A 68 17.05 -17.45 -9.43
CA ILE A 68 16.53 -18.45 -8.50
C ILE A 68 17.70 -19.11 -7.78
N ASP A 69 17.60 -19.22 -6.46
CA ASP A 69 18.57 -19.94 -5.66
C ASP A 69 17.96 -21.21 -5.08
N ILE A 70 18.76 -22.26 -4.98
CA ILE A 70 18.28 -23.57 -4.58
C ILE A 70 18.56 -23.86 -3.10
N ALA A 71 19.78 -23.54 -2.63
CA ALA A 71 20.13 -23.84 -1.26
C ALA A 71 19.24 -23.09 -0.27
N LYS A 72 18.99 -21.80 -0.54
CA LYS A 72 18.09 -21.03 0.31
C LYS A 72 16.62 -21.26 -0.04
N ASN A 73 16.35 -21.81 -1.22
CA ASN A 73 14.99 -22.10 -1.69
C ASN A 73 14.12 -20.84 -1.69
N LEU A 74 14.55 -19.86 -2.50
CA LEU A 74 13.86 -18.59 -2.62
C LEU A 74 13.68 -18.21 -4.08
N ALA A 75 13.25 -16.97 -4.33
CA ALA A 75 13.16 -16.42 -5.68
C ALA A 75 13.47 -14.94 -5.62
N VAL A 76 14.58 -14.55 -6.26
CA VAL A 76 15.14 -13.21 -6.11
C VAL A 76 14.86 -12.40 -7.37
N LEU A 77 14.26 -11.23 -7.19
CA LEU A 77 14.09 -10.25 -8.26
C LEU A 77 14.90 -9.01 -7.89
N LYS A 78 15.79 -8.59 -8.79
CA LYS A 78 16.67 -7.47 -8.54
C LYS A 78 16.27 -6.29 -9.43
N ILE A 79 15.98 -5.16 -8.80
CA ILE A 79 15.77 -3.90 -9.51
C ILE A 79 17.13 -3.26 -9.68
N LEU A 80 17.48 -2.91 -10.92
CA LEU A 80 18.79 -2.31 -11.18
C LEU A 80 18.77 -0.79 -11.02
N ALA A 81 17.61 -0.16 -11.21
CA ALA A 81 17.49 1.28 -11.06
C ALA A 81 16.07 1.66 -10.72
N PRO A 82 15.75 1.87 -9.44
CA PRO A 82 14.38 2.26 -9.07
C PRO A 82 14.04 3.65 -9.58
N SER A 83 12.74 3.89 -9.72
CA SER A 83 12.24 5.17 -10.20
C SER A 83 10.78 5.32 -9.80
N GLU A 84 10.24 6.50 -10.09
CA GLU A 84 8.83 6.78 -9.79
C GLU A 84 7.93 5.79 -10.51
N ARG A 85 8.23 5.51 -11.79
CA ARG A 85 7.49 4.49 -12.52
C ARG A 85 7.68 3.10 -11.90
N ASP A 86 8.87 2.82 -11.39
CA ASP A 86 9.13 1.54 -10.74
C ASP A 86 8.39 1.41 -9.41
N GLU A 87 7.94 2.51 -8.83
CA GLU A 87 7.21 2.46 -7.57
C GLU A 87 5.91 1.69 -7.75
N GLY A 88 5.78 0.56 -7.06
CA GLY A 88 4.56 -0.21 -7.10
C GLY A 88 4.71 -1.47 -6.27
N SER A 89 3.60 -2.19 -6.13
CA SER A 89 3.57 -3.45 -5.39
C SER A 89 3.88 -4.61 -6.32
N TYR A 90 4.77 -5.49 -5.90
CA TYR A 90 5.23 -6.58 -6.74
C TYR A 90 4.70 -7.91 -6.21
N TYR A 91 4.33 -8.80 -7.13
CA TYR A 91 3.75 -10.09 -6.78
C TYR A 91 4.59 -11.22 -7.34
N CYS A 92 4.76 -12.26 -6.54
CA CYS A 92 5.50 -13.45 -6.94
C CYS A 92 4.51 -14.57 -7.24
N ALA A 93 4.62 -15.15 -8.43
CA ALA A 93 3.71 -16.18 -8.91
C ALA A 93 4.45 -17.48 -9.10
N CYS A 94 3.78 -18.60 -8.84
CA CYS A 94 4.38 -19.92 -8.92
C CYS A 94 3.63 -20.74 -9.97
N ASP A 95 4.35 -21.19 -10.98
CA ASP A 95 3.78 -22.04 -12.01
C ASP A 95 3.91 -23.49 -11.59
N THR A 96 2.79 -24.21 -11.58
CA THR A 96 2.78 -25.59 -11.11
C THR A 96 3.34 -26.57 -12.12
N LEU A 97 3.46 -26.17 -13.39
CA LEU A 97 4.01 -27.01 -14.46
C LEU A 97 3.10 -28.20 -14.77
N GLY A 98 2.04 -28.35 -13.98
CA GLY A 98 1.15 -29.49 -14.12
C GLY A 98 1.75 -30.77 -13.56
N MET A 99 0.89 -31.76 -13.40
CA MET A 99 1.26 -33.08 -12.90
C MET A 99 1.04 -34.10 -14.02
N GLY A 100 1.17 -35.39 -13.65
CA GLY A 100 0.96 -36.44 -14.62
C GLY A 100 -0.45 -36.46 -15.19
N GLY A 101 -1.44 -36.09 -14.38
CA GLY A 101 -2.81 -36.03 -14.84
C GLY A 101 -3.44 -34.66 -14.68
N GLU A 102 -2.65 -33.68 -14.26
CA GLU A 102 -3.11 -32.32 -14.07
C GLU A 102 -2.51 -31.41 -15.14
N TYR A 103 -3.37 -30.68 -15.85
CA TYR A 103 -2.93 -29.79 -16.92
C TYR A 103 -3.60 -28.43 -16.82
N THR A 104 -4.08 -28.04 -15.63
CA THR A 104 -4.72 -26.74 -15.49
C THR A 104 -3.70 -25.61 -15.58
N ASP A 105 -2.48 -25.84 -15.06
CA ASP A 105 -1.40 -24.87 -15.14
C ASP A 105 -1.79 -23.52 -14.54
N LYS A 106 -2.46 -23.56 -13.40
CA LYS A 106 -2.83 -22.33 -12.71
C LYS A 106 -1.61 -21.67 -12.09
N LEU A 107 -1.80 -20.47 -11.57
CA LEU A 107 -0.75 -19.71 -10.91
C LEU A 107 -1.09 -19.56 -9.43
N ILE A 108 -0.13 -19.86 -8.57
CA ILE A 108 -0.24 -19.65 -7.14
C ILE A 108 0.59 -18.43 -6.79
N PHE A 109 -0.06 -17.40 -6.26
CA PHE A 109 0.58 -16.11 -6.03
C PHE A 109 0.98 -15.94 -4.58
N GLY A 110 1.65 -14.81 -4.30
CA GLY A 110 1.90 -14.38 -2.95
C GLY A 110 1.41 -12.95 -2.78
N LYS A 111 1.40 -12.50 -1.53
CA LYS A 111 0.97 -11.14 -1.25
C LYS A 111 1.97 -10.14 -1.80
N GLY A 112 1.47 -8.97 -2.18
CA GLY A 112 2.32 -7.96 -2.77
C GLY A 112 3.19 -7.26 -1.76
N THR A 113 4.30 -6.71 -2.25
CA THR A 113 5.23 -5.92 -1.45
C THR A 113 5.14 -4.48 -1.93
N ARG A 114 4.52 -3.62 -1.15
CA ARG A 114 4.36 -2.21 -1.52
C ARG A 114 5.72 -1.54 -1.50
N VAL A 115 6.35 -1.43 -2.66
CA VAL A 115 7.69 -0.87 -2.79
C VAL A 115 7.54 0.61 -3.11
N THR A 116 7.72 1.47 -2.11
CA THR A 116 7.65 2.91 -2.30
C THR A 116 9.03 3.46 -2.63
N VAL A 117 9.04 4.53 -3.43
CA VAL A 117 10.27 5.14 -3.89
C VAL A 117 10.41 6.52 -3.26
N GLU A 118 11.66 6.92 -3.03
CA GLU A 118 11.99 8.19 -2.41
C GLU A 118 13.10 8.87 -3.21
N PRO A 119 12.97 10.16 -3.48
CA PRO A 119 13.92 10.83 -4.38
C PRO A 119 15.29 10.99 -3.73
N ARG A 120 16.29 11.16 -4.59
CA ARG A 120 17.64 11.45 -4.13
C ARG A 120 17.74 12.90 -3.65
N SER A 121 18.72 13.16 -2.80
CA SER A 121 18.87 14.47 -2.20
C SER A 121 19.32 15.50 -3.23
N GLN A 122 18.67 16.65 -3.23
CA GLN A 122 19.01 17.76 -4.12
C GLN A 122 18.82 19.06 -3.36
N PRO A 123 19.48 20.13 -3.78
CA PRO A 123 19.37 21.40 -3.05
C PRO A 123 17.95 21.95 -3.08
N HIS A 124 17.60 22.67 -2.01
CA HIS A 124 16.25 23.18 -1.86
C HIS A 124 15.97 24.28 -2.88
N THR A 125 14.74 24.33 -3.36
CA THR A 125 14.34 25.29 -4.39
C THR A 125 13.01 25.92 -4.04
N LYS A 126 12.81 27.15 -4.50
CA LYS A 126 11.65 27.92 -4.13
C LYS A 126 10.41 27.44 -4.89
N PRO A 127 9.25 27.38 -4.23
CA PRO A 127 8.02 27.07 -4.95
C PRO A 127 7.33 28.31 -5.50
N SER A 128 7.03 28.31 -6.79
CA SER A 128 6.37 29.44 -7.44
C SER A 128 4.88 29.25 -7.30
N VAL A 129 4.31 29.83 -6.24
CA VAL A 129 2.87 29.72 -6.02
C VAL A 129 2.12 30.49 -7.09
N PHE A 130 1.18 29.82 -7.75
CA PHE A 130 0.34 30.45 -8.77
C PHE A 130 -1.11 30.20 -8.42
N VAL A 131 -1.87 31.26 -8.21
CA VAL A 131 -3.29 31.14 -7.97
C VAL A 131 -4.01 31.03 -9.31
N MET A 132 -5.02 30.18 -9.36
CA MET A 132 -5.85 30.04 -10.55
C MET A 132 -7.21 29.50 -10.10
N LYS A 133 -8.27 29.99 -10.73
CA LYS A 133 -9.62 29.69 -10.28
C LYS A 133 -10.56 29.68 -11.47
N ASN A 134 -11.78 29.19 -11.21
CA ASN A 134 -12.85 29.25 -12.21
C ASN A 134 -14.17 29.28 -11.44
N GLY A 135 -14.71 30.48 -11.27
CA GLY A 135 -15.91 30.64 -10.47
C GLY A 135 -15.62 30.75 -8.99
N THR A 136 -16.38 30.04 -8.17
CA THR A 136 -16.18 30.07 -6.72
C THR A 136 -15.09 29.11 -6.26
N ASN A 137 -14.49 28.35 -7.16
CA ASN A 137 -13.49 27.36 -6.82
C ASN A 137 -12.11 27.88 -7.21
N VAL A 138 -11.20 27.90 -6.25
CA VAL A 138 -9.83 28.37 -6.46
C VAL A 138 -8.86 27.32 -5.97
N ALA A 139 -7.76 27.16 -6.70
CA ALA A 139 -6.74 26.15 -6.37
C ALA A 139 -5.37 26.70 -6.75
N CYS A 140 -4.67 27.26 -5.78
CA CYS A 140 -3.35 27.80 -6.04
C CYS A 140 -2.34 26.67 -6.26
N LEU A 141 -1.40 26.91 -7.18
CA LEU A 141 -0.49 25.89 -7.69
C LEU A 141 0.93 26.21 -7.25
N VAL A 142 1.37 25.62 -6.15
CA VAL A 142 2.79 25.62 -5.82
C VAL A 142 3.46 24.49 -6.60
N LYS A 143 4.49 24.83 -7.37
CA LYS A 143 4.88 23.98 -8.49
C LYS A 143 6.21 23.27 -8.34
N GLU A 144 7.24 23.91 -7.80
CA GLU A 144 8.58 23.34 -7.94
C GLU A 144 9.35 23.36 -6.63
N PHE A 145 8.74 22.89 -5.54
CA PHE A 145 9.44 22.85 -4.26
C PHE A 145 10.01 21.46 -3.99
N TYR A 146 11.26 21.40 -3.55
CA TYR A 146 11.90 20.15 -3.17
C TYR A 146 11.55 19.67 -1.76
N PRO A 147 11.61 20.51 -0.72
CA PRO A 147 11.36 20.01 0.64
C PRO A 147 9.95 19.47 0.79
N LYS A 148 9.82 18.53 1.72
CA LYS A 148 8.54 17.89 2.01
C LYS A 148 7.65 18.74 2.90
N ASP A 149 8.22 19.40 3.91
CA ASP A 149 7.43 20.19 4.84
C ASP A 149 6.83 21.40 4.13
N ILE A 150 5.59 21.73 4.50
CA ILE A 150 4.88 22.85 3.91
C ILE A 150 3.76 23.25 4.85
N ARG A 151 3.58 24.55 5.03
CA ARG A 151 2.45 25.07 5.78
C ARG A 151 1.59 25.92 4.86
N ILE A 152 0.28 25.83 5.05
CA ILE A 152 -0.70 26.30 4.07
C ILE A 152 -1.74 27.17 4.74
N ASN A 153 -2.34 28.05 3.95
CA ASN A 153 -3.50 28.84 4.36
C ASN A 153 -4.06 29.52 3.12
N LEU A 154 -5.28 30.04 3.27
CA LEU A 154 -5.92 30.84 2.22
C LEU A 154 -6.40 32.14 2.84
N VAL A 155 -6.03 33.26 2.23
CA VAL A 155 -6.37 34.56 2.82
C VAL A 155 -7.86 34.83 2.64
N SER A 156 -8.47 35.36 3.70
CA SER A 156 -9.91 35.65 3.73
C SER A 156 -10.73 34.42 3.35
N SER A 157 -10.32 33.28 3.90
CA SER A 157 -10.96 32.01 3.59
C SER A 157 -12.24 31.87 4.41
N LYS A 158 -13.39 31.92 3.74
CA LYS A 158 -14.68 31.69 4.37
C LYS A 158 -15.33 30.41 3.90
N LYS A 159 -14.56 29.51 3.29
CA LYS A 159 -15.13 28.29 2.72
C LYS A 159 -15.65 27.36 3.80
N ILE A 160 -16.74 26.67 3.47
CA ILE A 160 -17.32 25.71 4.40
C ILE A 160 -16.43 24.48 4.54
N THR A 161 -15.84 24.01 3.44
CA THR A 161 -15.07 22.79 3.41
C THR A 161 -13.62 23.09 3.03
N GLU A 162 -12.69 22.56 3.81
CA GLU A 162 -11.26 22.70 3.57
C GLU A 162 -10.72 21.38 3.02
N PHE A 163 -9.94 21.46 1.94
CA PHE A 163 -9.43 20.29 1.25
C PHE A 163 -7.94 20.14 1.49
N ASP A 164 -7.52 18.94 1.85
CA ASP A 164 -6.11 18.66 2.11
C ASP A 164 -5.32 18.73 0.81
N PRO A 165 -4.18 19.42 0.78
CA PRO A 165 -3.37 19.46 -0.44
C PRO A 165 -2.77 18.10 -0.76
N ALA A 166 -2.51 17.89 -2.04
CA ALA A 166 -1.92 16.64 -2.54
C ALA A 166 -0.46 16.89 -2.89
N ILE A 167 0.43 16.07 -2.35
CA ILE A 167 1.86 16.17 -2.59
C ILE A 167 2.27 15.02 -3.49
N VAL A 168 2.85 15.36 -4.65
CA VAL A 168 3.29 14.38 -5.62
C VAL A 168 4.74 14.68 -6.00
N ILE A 169 5.38 13.69 -6.61
CA ILE A 169 6.79 13.81 -7.01
C ILE A 169 6.83 14.05 -8.52
N SER A 170 7.42 15.16 -8.93
CA SER A 170 7.60 15.44 -10.34
C SER A 170 8.71 14.56 -10.91
N PRO A 171 8.68 14.31 -12.22
CA PRO A 171 9.81 13.59 -12.83
C PRO A 171 11.14 14.29 -12.68
N SER A 172 11.14 15.59 -12.38
CA SER A 172 12.37 16.33 -12.12
C SER A 172 12.82 16.24 -10.67
N GLY A 173 12.07 15.54 -9.81
CA GLY A 173 12.47 15.32 -8.44
C GLY A 173 11.98 16.35 -7.45
N LYS A 174 11.39 17.45 -7.91
CA LYS A 174 10.88 18.49 -7.02
C LYS A 174 9.37 18.36 -6.91
N TYR A 175 8.88 18.28 -5.68
CA TYR A 175 7.49 17.93 -5.44
C TYR A 175 6.56 19.01 -5.97
N ASN A 176 5.37 18.58 -6.37
CA ASN A 176 4.29 19.46 -6.81
C ASN A 176 3.16 19.38 -5.80
N ALA A 177 2.38 20.45 -5.68
CA ALA A 177 1.25 20.44 -4.78
C ALA A 177 0.12 21.29 -5.35
N VAL A 178 -1.11 20.94 -4.96
CA VAL A 178 -2.29 21.72 -5.27
C VAL A 178 -3.15 21.78 -4.02
N LYS A 179 -3.55 22.98 -3.61
CA LYS A 179 -4.50 23.18 -2.52
C LYS A 179 -5.73 23.86 -3.08
N LEU A 180 -6.90 23.31 -2.78
CA LEU A 180 -8.14 23.72 -3.42
C LEU A 180 -9.15 24.12 -2.37
N GLY A 181 -9.99 25.11 -2.71
CA GLY A 181 -11.02 25.56 -1.82
C GLY A 181 -12.18 26.22 -2.53
N LYS A 182 -13.41 25.85 -2.17
CA LYS A 182 -14.61 26.41 -2.78
C LYS A 182 -15.27 27.36 -1.79
N TYR A 183 -15.38 28.63 -2.17
CA TYR A 183 -15.92 29.67 -1.30
C TYR A 183 -17.37 29.95 -1.65
N GLU A 184 -18.21 30.11 -0.64
CA GLU A 184 -19.57 30.58 -0.85
C GLU A 184 -19.64 32.09 -1.03
N ASP A 185 -18.54 32.80 -0.79
CA ASP A 185 -18.47 34.24 -0.99
C ASP A 185 -17.01 34.65 -1.18
N SER A 186 -16.82 35.82 -1.77
CA SER A 186 -15.50 36.39 -1.99
C SER A 186 -14.59 35.41 -2.75
N ASN A 187 -15.12 34.88 -3.85
CA ASN A 187 -14.36 33.93 -4.65
C ASN A 187 -13.12 34.60 -5.25
N SER A 188 -13.22 35.88 -5.59
CA SER A 188 -12.10 36.59 -6.18
C SER A 188 -11.07 36.95 -5.11
N VAL A 189 -10.09 36.08 -4.90
CA VAL A 189 -9.07 36.29 -3.89
C VAL A 189 -7.89 35.38 -4.22
N THR A 190 -6.70 35.77 -3.77
CA THR A 190 -5.47 35.05 -4.09
C THR A 190 -5.13 34.05 -2.99
N CYS A 191 -4.03 33.32 -3.20
CA CYS A 191 -3.57 32.28 -2.29
C CYS A 191 -2.16 32.60 -1.82
N SER A 192 -1.89 32.27 -0.56
CA SER A 192 -0.58 32.47 0.05
C SER A 192 -0.09 31.15 0.62
N VAL A 193 1.16 30.79 0.34
CA VAL A 193 1.74 29.53 0.77
C VAL A 193 3.10 29.81 1.39
N GLN A 194 3.27 29.41 2.65
CA GLN A 194 4.53 29.61 3.37
C GLN A 194 5.36 28.34 3.26
N HIS A 195 6.59 28.46 2.77
CA HIS A 195 7.49 27.34 2.61
C HIS A 195 8.86 27.69 3.15
N ASP A 196 9.51 26.71 3.78
CA ASP A 196 10.81 26.90 4.45
C ASP A 196 10.61 28.01 5.48
N ASN A 197 11.41 29.07 5.48
CA ASN A 197 11.27 30.15 6.44
C ASN A 197 10.43 31.26 5.85
N LYS A 198 9.55 31.84 6.68
CA LYS A 198 8.70 32.96 6.30
C LYS A 198 7.71 32.58 5.20
N THR A 199 7.25 33.56 4.44
CA THR A 199 6.08 33.42 3.59
C THR A 199 6.41 33.65 2.12
N VAL A 200 5.59 33.03 1.27
CA VAL A 200 5.62 33.24 -0.18
C VAL A 200 4.19 33.50 -0.65
N HIS A 201 4.02 34.52 -1.49
CA HIS A 201 2.70 34.97 -1.89
C HIS A 201 2.54 34.87 -3.41
N SER A 202 1.32 34.55 -3.83
CA SER A 202 0.96 34.67 -5.23
C SER A 202 0.79 36.12 -5.65
N THR A 203 0.66 37.03 -4.69
CA THR A 203 0.57 38.46 -4.96
C THR A 203 1.96 39.04 -5.12
N ASP A 204 2.10 39.96 -6.08
CA ASP A 204 3.34 40.63 -6.44
C ASP A 204 4.30 39.67 -7.13
N PHE A 205 3.95 38.39 -7.16
CA PHE A 205 4.57 37.42 -8.04
C PHE A 205 3.79 37.25 -9.34
N GLU A 206 2.55 37.73 -9.34
CA GLU A 206 1.69 37.68 -10.52
C GLU A 206 1.79 38.97 -11.30
N ALA B 1 0.13 -11.24 -29.05
CA ALA B 1 0.42 -9.91 -28.51
C ALA B 1 -0.85 -9.21 -28.06
N GLY B 2 -1.98 -9.87 -28.23
CA GLY B 2 -3.25 -9.31 -27.82
C GLY B 2 -3.31 -9.13 -26.32
N HIS B 3 -3.77 -7.96 -25.87
CA HIS B 3 -3.84 -7.62 -24.47
C HIS B 3 -5.30 -7.67 -24.01
N LEU B 4 -5.52 -8.26 -22.84
CA LEU B 4 -6.85 -8.35 -22.28
C LEU B 4 -7.36 -6.97 -21.92
N GLU B 5 -8.65 -6.73 -22.15
CA GLU B 5 -9.27 -5.45 -21.81
C GLU B 5 -10.63 -5.72 -21.17
N GLN B 6 -10.86 -5.14 -20.01
CA GLN B 6 -12.16 -5.25 -19.35
C GLN B 6 -12.86 -3.89 -19.41
N PRO B 7 -14.01 -3.79 -20.08
CA PRO B 7 -14.64 -2.47 -20.25
C PRO B 7 -14.98 -1.78 -18.95
N GLN B 8 -15.35 -2.52 -17.91
CA GLN B 8 -15.72 -1.94 -16.62
C GLN B 8 -14.52 -2.00 -15.69
N ILE B 9 -14.12 -0.86 -15.14
CA ILE B 9 -13.07 -0.81 -14.14
C ILE B 9 -13.62 -0.92 -12.73
N SER B 10 -14.94 -0.84 -12.57
CA SER B 10 -15.59 -1.07 -11.29
C SER B 10 -16.98 -1.61 -11.56
N SER B 11 -17.58 -2.24 -10.55
CA SER B 11 -18.91 -2.79 -10.69
C SER B 11 -19.62 -2.71 -9.36
N THR B 12 -20.71 -1.95 -9.31
CA THR B 12 -21.54 -1.83 -8.13
C THR B 12 -22.90 -2.46 -8.41
N LYS B 13 -23.32 -3.37 -7.54
CA LYS B 13 -24.58 -4.07 -7.70
C LYS B 13 -25.23 -4.24 -6.33
N THR B 14 -26.56 -4.37 -6.35
CA THR B 14 -27.31 -4.59 -5.13
C THR B 14 -26.95 -5.94 -4.52
N LEU B 15 -26.92 -5.98 -3.19
CA LEU B 15 -26.56 -7.21 -2.49
C LEU B 15 -27.54 -8.33 -2.81
N SER B 16 -27.02 -9.56 -2.85
CA SER B 16 -27.80 -10.75 -3.16
C SER B 16 -28.44 -10.66 -4.54
N LYS B 17 -27.70 -10.14 -5.52
CA LYS B 17 -28.17 -10.04 -6.88
C LYS B 17 -27.05 -10.41 -7.84
N THR B 18 -27.43 -10.85 -9.03
CA THR B 18 -26.46 -11.31 -10.02
C THR B 18 -25.62 -10.16 -10.55
N ALA B 19 -24.32 -10.41 -10.69
CA ALA B 19 -23.39 -9.45 -11.28
C ALA B 19 -22.60 -10.12 -12.38
N ARG B 20 -22.38 -9.42 -13.49
CA ARG B 20 -21.75 -9.98 -14.68
C ARG B 20 -20.47 -9.22 -14.99
N LEU B 21 -19.38 -9.96 -15.16
CA LEU B 21 -18.06 -9.41 -15.44
C LEU B 21 -17.55 -9.99 -16.75
N GLU B 22 -16.96 -9.15 -17.59
CA GLU B 22 -16.55 -9.56 -18.92
C GLU B 22 -15.21 -8.94 -19.29
N CYS B 23 -14.40 -9.71 -20.02
CA CYS B 23 -13.14 -9.21 -20.55
C CYS B 23 -12.97 -9.73 -21.96
N VAL B 24 -12.53 -8.83 -22.85
CA VAL B 24 -12.45 -9.11 -24.28
C VAL B 24 -11.00 -9.20 -24.68
N VAL B 25 -10.67 -10.20 -25.50
CA VAL B 25 -9.32 -10.37 -26.00
C VAL B 25 -9.15 -9.51 -27.24
N SER B 26 -8.10 -8.69 -27.26
CA SER B 26 -7.94 -7.65 -28.27
C SER B 26 -7.25 -8.22 -29.50
N GLY B 27 -7.97 -8.21 -30.64
CA GLY B 27 -7.39 -8.51 -31.93
C GLY B 27 -7.09 -9.98 -32.19
N ILE B 28 -7.01 -10.78 -31.14
CA ILE B 28 -6.61 -12.18 -31.25
C ILE B 28 -7.77 -13.05 -30.82
N THR B 29 -8.13 -14.02 -31.65
CA THR B 29 -9.05 -15.06 -31.22
C THR B 29 -8.33 -16.03 -30.29
N ILE B 30 -9.06 -16.52 -29.30
CA ILE B 30 -8.44 -17.34 -28.26
C ILE B 30 -8.01 -18.68 -28.83
N SER B 31 -8.89 -19.33 -29.59
CA SER B 31 -8.62 -20.58 -30.31
C SER B 31 -8.29 -21.68 -29.30
N ALA B 32 -7.11 -22.30 -29.35
CA ALA B 32 -6.86 -23.51 -28.56
C ALA B 32 -6.68 -23.21 -27.08
N THR B 33 -5.97 -22.13 -26.76
CA THR B 33 -5.63 -21.86 -25.36
C THR B 33 -6.89 -21.59 -24.54
N SER B 34 -6.75 -21.77 -23.23
CA SER B 34 -7.86 -21.61 -22.31
C SER B 34 -7.85 -20.21 -21.68
N VAL B 35 -8.97 -19.85 -21.07
CA VAL B 35 -9.14 -18.56 -20.43
C VAL B 35 -9.37 -18.78 -18.93
N TYR B 36 -8.60 -18.08 -18.11
CA TYR B 36 -8.63 -18.24 -16.67
C TYR B 36 -9.25 -17.00 -16.02
N TRP B 37 -9.65 -17.17 -14.75
CA TRP B 37 -10.15 -16.07 -13.95
C TRP B 37 -9.52 -16.14 -12.56
N TYR B 38 -9.24 -14.98 -11.98
CA TYR B 38 -8.64 -14.90 -10.66
C TYR B 38 -9.46 -13.96 -9.80
N ARG B 39 -9.25 -14.04 -8.49
CA ARG B 39 -10.00 -13.24 -7.53
C ARG B 39 -9.09 -12.76 -6.43
N GLU B 40 -9.20 -11.48 -6.07
CA GLU B 40 -8.40 -10.87 -5.00
C GLU B 40 -9.36 -10.27 -3.98
N ARG B 41 -9.67 -11.02 -2.94
CA ARG B 41 -10.42 -10.47 -1.83
C ARG B 41 -9.52 -9.50 -1.05
N PRO B 42 -10.08 -8.42 -0.51
CA PRO B 42 -9.23 -7.43 0.17
C PRO B 42 -8.40 -8.05 1.28
N GLY B 43 -7.13 -7.65 1.35
CA GLY B 43 -6.21 -8.20 2.32
C GLY B 43 -5.93 -9.68 2.14
N GLU B 44 -5.94 -10.17 0.91
CA GLU B 44 -5.68 -11.58 0.63
C GLU B 44 -4.94 -11.71 -0.69
N VAL B 45 -4.31 -12.86 -0.87
CA VAL B 45 -3.62 -13.18 -2.11
C VAL B 45 -4.65 -13.56 -3.18
N ILE B 46 -4.28 -13.38 -4.45
CA ILE B 46 -5.17 -13.75 -5.54
C ILE B 46 -5.12 -15.26 -5.73
N GLN B 47 -6.29 -15.86 -5.95
CA GLN B 47 -6.39 -17.30 -6.12
C GLN B 47 -7.18 -17.61 -7.40
N PHE B 48 -6.73 -18.65 -8.08
CA PHE B 48 -7.40 -19.12 -9.28
C PHE B 48 -8.86 -19.47 -9.00
N LEU B 49 -9.77 -18.94 -9.83
CA LEU B 49 -11.20 -19.15 -9.62
C LEU B 49 -11.80 -20.19 -10.57
N VAL B 50 -11.72 -19.95 -11.88
CA VAL B 50 -12.31 -20.85 -12.87
C VAL B 50 -11.46 -20.84 -14.13
N SER B 51 -11.64 -21.86 -14.96
CA SER B 51 -10.95 -21.97 -16.24
C SER B 51 -11.83 -22.71 -17.24
N ILE B 52 -11.87 -22.21 -18.46
CA ILE B 52 -12.62 -22.82 -19.54
C ILE B 52 -11.69 -23.00 -20.73
N SER B 53 -11.71 -24.17 -21.35
CA SER B 53 -10.77 -24.55 -22.38
C SER B 53 -11.48 -24.72 -23.73
N TYR B 54 -10.71 -25.15 -24.72
CA TYR B 54 -11.26 -25.34 -26.06
C TYR B 54 -12.28 -26.48 -26.09
N ASP B 55 -12.01 -27.55 -25.33
CA ASP B 55 -12.98 -28.63 -25.24
C ASP B 55 -14.28 -28.15 -24.60
N GLY B 56 -14.17 -27.29 -23.60
CA GLY B 56 -15.34 -26.78 -22.88
C GLY B 56 -15.38 -27.14 -21.41
N THR B 57 -14.40 -27.89 -20.90
CA THR B 57 -14.40 -28.24 -19.48
C THR B 57 -14.20 -26.99 -18.63
N VAL B 58 -14.98 -26.88 -17.56
CA VAL B 58 -14.92 -25.74 -16.66
C VAL B 58 -14.22 -26.22 -15.38
N ARG B 59 -12.95 -25.86 -15.24
CA ARG B 59 -12.15 -26.28 -14.11
C ARG B 59 -12.35 -25.33 -12.93
N LYS B 60 -12.11 -25.85 -11.73
CA LYS B 60 -12.26 -25.09 -10.50
C LYS B 60 -11.14 -25.52 -9.55
N GLU B 61 -11.28 -25.14 -8.27
CA GLU B 61 -10.28 -25.48 -7.26
C GLU B 61 -11.00 -25.93 -5.99
N SER B 62 -10.25 -26.01 -4.90
CA SER B 62 -10.83 -26.40 -3.61
C SER B 62 -11.87 -25.37 -3.17
N GLY B 63 -12.84 -25.84 -2.39
CA GLY B 63 -13.99 -25.00 -2.11
C GLY B 63 -14.73 -24.73 -3.40
N ILE B 64 -15.07 -23.47 -3.63
CA ILE B 64 -15.72 -23.03 -4.87
C ILE B 64 -16.96 -23.88 -5.11
N PRO B 65 -18.04 -23.66 -4.36
CA PRO B 65 -19.23 -24.50 -4.52
C PRO B 65 -19.79 -24.43 -5.94
N SER B 66 -20.31 -25.56 -6.41
CA SER B 66 -20.88 -25.61 -7.75
C SER B 66 -22.13 -24.75 -7.84
N GLY B 67 -22.41 -24.29 -9.06
CA GLY B 67 -23.52 -23.37 -9.28
C GLY B 67 -23.20 -21.93 -8.98
N LYS B 68 -21.94 -21.60 -8.75
CA LYS B 68 -21.52 -20.23 -8.46
C LYS B 68 -20.53 -19.78 -9.54
N PHE B 69 -20.76 -18.58 -10.06
CA PHE B 69 -19.97 -17.96 -11.15
C PHE B 69 -19.65 -18.93 -12.28
N GLU B 70 -20.67 -19.37 -13.00
CA GLU B 70 -20.45 -20.07 -14.25
C GLU B 70 -19.72 -19.16 -15.24
N VAL B 71 -18.77 -19.73 -15.97
CA VAL B 71 -17.97 -18.99 -16.94
C VAL B 71 -18.37 -19.45 -18.34
N ASP B 72 -18.51 -18.50 -19.25
CA ASP B 72 -18.88 -18.79 -20.64
C ASP B 72 -17.95 -18.03 -21.58
N ARG B 73 -17.68 -18.63 -22.72
CA ARG B 73 -16.79 -18.07 -23.73
C ARG B 73 -17.53 -17.89 -25.04
N ILE B 74 -17.33 -16.75 -25.69
CA ILE B 74 -17.98 -16.42 -26.94
C ILE B 74 -16.91 -16.28 -28.02
N PRO B 75 -16.70 -17.31 -28.84
CA PRO B 75 -15.72 -17.18 -29.94
C PRO B 75 -16.15 -16.19 -31.01
N GLU B 76 -17.43 -15.83 -31.07
CA GLU B 76 -17.90 -14.90 -32.11
C GLU B 76 -17.28 -13.52 -31.91
N THR B 77 -17.17 -13.06 -30.67
CA THR B 77 -16.54 -11.77 -30.36
C THR B 77 -15.28 -11.93 -29.53
N SER B 78 -14.75 -13.16 -29.38
CA SER B 78 -13.55 -13.42 -28.58
C SER B 78 -13.68 -12.85 -27.17
N THR B 79 -14.85 -13.06 -26.57
CA THR B 79 -15.19 -12.50 -25.27
C THR B 79 -15.47 -13.63 -24.28
N SER B 80 -14.80 -13.57 -23.14
CA SER B 80 -15.05 -14.48 -22.02
C SER B 80 -15.77 -13.72 -20.92
N THR B 81 -16.91 -14.24 -20.46
CA THR B 81 -17.77 -13.54 -19.53
C THR B 81 -17.98 -14.40 -18.29
N LEU B 82 -17.82 -13.79 -17.12
CA LEU B 82 -18.05 -14.44 -15.83
C LEU B 82 -19.16 -13.68 -15.11
N THR B 83 -20.18 -14.42 -14.66
CA THR B 83 -21.31 -13.82 -13.97
C THR B 83 -21.41 -14.41 -12.56
N ILE B 84 -21.44 -13.53 -11.56
CA ILE B 84 -21.49 -13.95 -10.16
C ILE B 84 -22.94 -14.13 -9.74
N HIS B 85 -23.24 -15.27 -9.13
CA HIS B 85 -24.59 -15.57 -8.65
C HIS B 85 -24.66 -15.34 -7.14
N ASN B 86 -25.64 -14.55 -6.72
CA ASN B 86 -25.87 -14.23 -5.30
C ASN B 86 -24.63 -13.59 -4.68
N VAL B 87 -24.31 -12.40 -5.19
CA VAL B 87 -23.13 -11.68 -4.74
C VAL B 87 -23.29 -11.31 -3.26
N GLU B 88 -22.17 -11.29 -2.53
CA GLU B 88 -22.19 -11.09 -1.09
C GLU B 88 -20.94 -10.36 -0.64
N LYS B 89 -20.86 -10.16 0.68
CA LYS B 89 -19.73 -9.44 1.26
C LYS B 89 -18.42 -10.18 1.02
N GLN B 90 -18.42 -11.51 1.17
CA GLN B 90 -17.24 -12.29 0.84
C GLN B 90 -16.98 -12.27 -0.66
N ASP B 91 -18.02 -12.08 -1.47
CA ASP B 91 -17.83 -11.97 -2.91
C ASP B 91 -17.21 -10.64 -3.32
N ILE B 92 -17.31 -9.62 -2.46
CA ILE B 92 -16.62 -8.35 -2.74
C ILE B 92 -15.13 -8.62 -2.88
N ALA B 93 -14.60 -8.38 -4.07
CA ALA B 93 -13.20 -8.69 -4.38
C ALA B 93 -12.84 -8.01 -5.70
N THR B 94 -11.65 -8.34 -6.22
CA THR B 94 -11.18 -7.88 -7.51
C THR B 94 -10.96 -9.08 -8.41
N TYR B 95 -11.48 -9.00 -9.64
CA TYR B 95 -11.46 -10.13 -10.57
C TYR B 95 -10.59 -9.81 -11.77
N TYR B 96 -9.72 -10.74 -12.14
CA TYR B 96 -8.87 -10.63 -13.31
C TYR B 96 -9.09 -11.83 -14.22
N CYS B 97 -8.81 -11.65 -15.51
CA CYS B 97 -8.83 -12.75 -16.46
C CYS B 97 -7.47 -12.84 -17.12
N ALA B 98 -7.02 -14.07 -17.36
CA ALA B 98 -5.69 -14.31 -17.89
C ALA B 98 -5.74 -15.43 -18.91
N LEU B 99 -4.67 -15.52 -19.71
CA LEU B 99 -4.55 -16.58 -20.71
C LEU B 99 -3.09 -16.71 -21.11
N TRP B 100 -2.66 -17.96 -21.31
CA TRP B 100 -1.29 -18.21 -21.75
C TRP B 100 -1.16 -17.90 -23.23
N GLU B 101 -0.18 -17.06 -23.57
CA GLU B 101 0.14 -16.77 -24.96
C GLU B 101 1.46 -17.45 -25.32
N ALA B 102 1.51 -18.06 -26.49
CA ALA B 102 2.69 -18.76 -26.94
C ALA B 102 3.64 -17.79 -27.63
N GLN B 103 4.90 -17.81 -27.21
CA GLN B 103 5.92 -16.99 -27.85
C GLN B 103 6.32 -17.58 -29.19
N GLN B 104 6.99 -16.77 -30.01
CA GLN B 104 7.54 -17.27 -31.26
C GLN B 104 8.56 -18.37 -31.00
N GLU B 105 9.37 -18.21 -29.96
CA GLU B 105 10.26 -19.28 -29.53
C GLU B 105 9.47 -20.46 -28.99
N LEU B 106 9.98 -21.67 -29.22
CA LEU B 106 9.26 -22.88 -28.87
C LEU B 106 9.35 -23.17 -27.38
N GLY B 107 8.22 -23.56 -26.80
CA GLY B 107 8.17 -24.03 -25.43
C GLY B 107 8.04 -22.96 -24.36
N LYS B 108 7.92 -21.70 -24.74
CA LYS B 108 7.83 -20.60 -23.78
C LYS B 108 6.48 -19.92 -23.92
N LYS B 109 5.81 -19.69 -22.79
CA LYS B 109 4.53 -19.03 -22.77
C LYS B 109 4.46 -18.05 -21.60
N ILE B 110 3.71 -16.97 -21.79
CA ILE B 110 3.60 -15.89 -20.81
C ILE B 110 2.13 -15.73 -20.46
N LYS B 111 1.84 -15.65 -19.16
CA LYS B 111 0.48 -15.44 -18.68
C LYS B 111 0.21 -13.94 -18.57
N VAL B 112 -0.68 -13.44 -19.41
CA VAL B 112 -1.02 -12.02 -19.42
C VAL B 112 -2.34 -11.81 -18.69
N PHE B 113 -2.38 -10.79 -17.85
CA PHE B 113 -3.52 -10.52 -16.97
C PHE B 113 -4.32 -9.33 -17.46
N GLY B 114 -5.60 -9.34 -17.15
CA GLY B 114 -6.47 -8.22 -17.46
C GLY B 114 -6.29 -7.08 -16.48
N PRO B 115 -6.88 -5.94 -16.82
CA PRO B 115 -6.74 -4.76 -15.95
C PRO B 115 -7.45 -4.89 -14.61
N GLY B 116 -8.32 -5.87 -14.43
CA GLY B 116 -9.05 -5.97 -13.18
C GLY B 116 -10.37 -5.25 -13.21
N THR B 117 -11.29 -5.69 -12.36
CA THR B 117 -12.63 -5.13 -12.32
C THR B 117 -13.02 -4.52 -10.99
N LYS B 118 -12.52 -5.04 -9.86
CA LYS B 118 -12.78 -4.47 -8.55
C LYS B 118 -14.28 -4.41 -8.27
N LEU B 119 -14.86 -5.61 -8.18
CA LEU B 119 -16.28 -5.73 -7.86
C LEU B 119 -16.56 -5.10 -6.49
N ILE B 120 -17.61 -4.28 -6.42
CA ILE B 120 -17.96 -3.53 -5.22
C ILE B 120 -19.43 -3.75 -4.91
N ILE B 121 -19.73 -4.08 -3.67
CA ILE B 121 -21.11 -4.27 -3.21
C ILE B 121 -21.36 -3.32 -2.04
N THR B 122 -22.47 -2.61 -2.09
CA THR B 122 -22.82 -1.65 -1.06
C THR B 122 -24.32 -1.70 -0.84
N ASP B 123 -24.84 -0.68 -0.15
CA ASP B 123 -26.24 -0.62 0.23
C ASP B 123 -27.08 -0.25 -1.00
N LYS B 124 -28.37 0.05 -0.76
CA LYS B 124 -29.29 0.37 -1.85
C LYS B 124 -28.91 1.70 -2.49
N GLN B 125 -28.12 1.64 -3.55
CA GLN B 125 -27.63 2.86 -4.19
C GLN B 125 -28.78 3.62 -4.85
N LEU B 126 -28.70 4.95 -4.77
CA LEU B 126 -29.61 5.84 -5.47
C LEU B 126 -28.90 6.39 -6.71
N ASP B 127 -29.62 6.46 -7.83
CA ASP B 127 -29.04 6.85 -9.11
C ASP B 127 -29.12 8.35 -9.37
N ALA B 128 -29.44 9.14 -8.35
CA ALA B 128 -29.51 10.60 -8.47
C ALA B 128 -28.09 11.13 -8.64
N ASP B 129 -27.78 11.55 -9.87
CA ASP B 129 -26.56 12.24 -10.28
C ASP B 129 -25.32 11.69 -9.56
N VAL B 130 -25.10 10.39 -9.79
CA VAL B 130 -23.87 9.74 -9.34
C VAL B 130 -22.76 9.84 -10.37
N SER B 131 -23.04 10.42 -11.54
CA SER B 131 -22.01 10.64 -12.53
C SER B 131 -21.05 11.72 -12.04
N PRO B 132 -19.77 11.64 -12.41
CA PRO B 132 -18.83 12.69 -12.05
C PRO B 132 -19.25 14.04 -12.61
N LYS B 133 -19.10 15.08 -11.80
CA LYS B 133 -19.41 16.44 -12.22
C LYS B 133 -18.11 17.20 -12.40
N PRO B 134 -17.74 17.59 -13.61
CA PRO B 134 -16.44 18.20 -13.85
C PRO B 134 -16.45 19.71 -13.68
N THR B 135 -15.25 20.29 -13.68
CA THR B 135 -15.08 21.73 -13.58
C THR B 135 -13.78 22.10 -14.29
N ILE B 136 -13.88 22.88 -15.37
CA ILE B 136 -12.71 23.31 -16.12
C ILE B 136 -11.99 24.42 -15.36
N PHE B 137 -10.68 24.27 -15.23
CA PHE B 137 -9.83 25.30 -14.62
C PHE B 137 -8.88 25.84 -15.67
N LEU B 138 -9.14 27.06 -16.12
CA LEU B 138 -8.28 27.68 -17.12
C LEU B 138 -6.98 28.14 -16.47
N PRO B 139 -5.84 27.99 -17.14
CA PRO B 139 -4.58 28.49 -16.59
C PRO B 139 -4.65 29.99 -16.37
N SER B 140 -4.04 30.45 -15.28
CA SER B 140 -4.17 31.84 -14.88
C SER B 140 -3.38 32.75 -15.82
N ILE B 141 -3.63 34.05 -15.70
CA ILE B 141 -2.96 35.03 -16.54
C ILE B 141 -1.49 35.13 -16.16
N ALA B 142 -0.65 35.39 -17.15
CA ALA B 142 0.79 35.57 -16.97
C ALA B 142 1.42 34.34 -16.31
N GLU B 143 0.96 33.15 -16.70
CA GLU B 143 1.56 31.91 -16.23
C GLU B 143 2.22 31.14 -17.36
N THR B 144 1.46 30.76 -18.38
CA THR B 144 2.05 30.03 -19.51
C THR B 144 2.93 30.95 -20.35
N LYS B 145 2.53 32.21 -20.51
CA LYS B 145 3.30 33.15 -21.30
C LYS B 145 4.69 33.35 -20.72
N LEU B 146 4.81 33.28 -19.39
CA LEU B 146 6.07 33.57 -18.72
C LEU B 146 6.84 32.32 -18.31
N GLN B 147 6.19 31.16 -18.25
CA GLN B 147 6.88 29.92 -17.89
C GLN B 147 7.12 29.01 -19.09
N LYS B 148 6.49 29.28 -20.23
CA LYS B 148 6.57 28.45 -21.43
C LYS B 148 6.09 27.02 -21.16
N ALA B 149 5.17 26.87 -20.21
CA ALA B 149 4.55 25.60 -19.91
C ALA B 149 3.14 25.86 -19.39
N GLY B 150 2.28 24.88 -19.54
CA GLY B 150 0.88 25.01 -19.17
C GLY B 150 0.47 24.00 -18.13
N THR B 151 -0.50 24.39 -17.31
CA THR B 151 -1.07 23.52 -16.29
C THR B 151 -2.58 23.58 -16.35
N TYR B 152 -3.23 22.43 -16.23
CA TYR B 152 -4.68 22.33 -16.23
C TYR B 152 -5.13 21.70 -14.92
N LEU B 153 -6.44 21.68 -14.69
CA LEU B 153 -6.99 21.02 -13.52
C LEU B 153 -8.36 20.46 -13.88
N CYS B 154 -8.49 19.14 -13.82
CA CYS B 154 -9.74 18.46 -14.12
C CYS B 154 -10.42 18.08 -12.80
N LEU B 155 -11.13 19.05 -12.23
CA LEU B 155 -11.85 18.80 -10.99
C LEU B 155 -13.01 17.85 -11.24
N LEU B 156 -13.22 16.92 -10.31
CA LEU B 156 -14.28 15.94 -10.43
C LEU B 156 -14.89 15.70 -9.05
N GLU B 157 -16.17 15.35 -9.03
CA GLU B 157 -16.87 15.16 -7.77
C GLU B 157 -18.13 14.35 -7.99
N LYS B 158 -18.67 13.83 -6.89
CA LYS B 158 -19.99 13.19 -6.83
C LYS B 158 -20.05 11.95 -7.72
N PHE B 159 -19.16 11.01 -7.44
CA PHE B 159 -19.18 9.68 -8.04
C PHE B 159 -19.05 8.63 -6.95
N PHE B 160 -19.99 7.69 -6.91
CA PHE B 160 -20.15 6.80 -5.76
C PHE B 160 -19.08 5.71 -5.69
N PRO B 161 -18.83 4.94 -6.76
CA PRO B 161 -17.85 3.85 -6.65
C PRO B 161 -16.46 4.37 -6.31
N ASP B 162 -15.71 3.51 -5.59
CA ASP B 162 -14.45 3.94 -5.00
C ASP B 162 -13.42 4.31 -6.06
N VAL B 163 -13.26 3.48 -7.09
CA VAL B 163 -12.14 3.61 -8.03
C VAL B 163 -12.62 4.35 -9.28
N ILE B 164 -11.78 5.26 -9.75
CA ILE B 164 -12.04 6.02 -10.97
C ILE B 164 -10.72 6.17 -11.71
N LYS B 165 -10.79 6.12 -13.05
CA LYS B 165 -9.60 6.16 -13.89
C LYS B 165 -9.61 7.44 -14.70
N ILE B 166 -8.57 8.25 -14.54
CA ILE B 166 -8.44 9.53 -15.21
C ILE B 166 -7.08 9.57 -15.90
N HIS B 167 -7.09 9.85 -17.20
CA HIS B 167 -5.85 10.01 -17.96
C HIS B 167 -6.07 11.07 -19.03
N TRP B 168 -4.96 11.67 -19.45
CA TRP B 168 -4.97 12.79 -20.38
C TRP B 168 -4.29 12.39 -21.68
N GLN B 169 -4.89 12.79 -22.79
CA GLN B 169 -4.34 12.51 -24.11
C GLN B 169 -4.87 13.54 -25.09
N GLU B 170 -3.99 14.01 -25.97
CA GLU B 170 -4.36 15.09 -26.88
C GLU B 170 -5.26 14.56 -27.99
N LYS B 171 -6.06 15.47 -28.56
CA LYS B 171 -7.09 15.06 -29.52
C LYS B 171 -6.49 14.39 -30.76
N LYS B 172 -5.30 14.82 -31.19
CA LYS B 172 -4.73 14.32 -32.44
C LYS B 172 -3.89 13.07 -32.26
N SER B 173 -3.46 12.75 -31.05
CA SER B 173 -2.60 11.60 -30.80
C SER B 173 -3.25 10.66 -29.80
N ASN B 174 -3.22 9.36 -30.09
CA ASN B 174 -3.90 8.39 -29.24
C ASN B 174 -3.12 8.09 -27.97
N THR B 175 -1.81 8.28 -27.97
CA THR B 175 -1.00 7.96 -26.80
C THR B 175 -1.36 8.86 -25.62
N ILE B 176 -1.22 8.30 -24.42
CA ILE B 176 -1.61 9.00 -23.19
C ILE B 176 -0.52 9.97 -22.78
N LEU B 177 -0.85 10.89 -21.89
CA LEU B 177 0.09 11.87 -21.37
C LEU B 177 0.39 11.59 -19.91
N GLY B 178 1.64 11.79 -19.51
CA GLY B 178 2.03 11.64 -18.13
C GLY B 178 1.36 12.67 -17.23
N SER B 179 0.40 12.21 -16.42
CA SER B 179 -0.41 13.08 -15.60
C SER B 179 -0.16 12.80 -14.12
N GLN B 180 -0.37 13.83 -13.30
CA GLN B 180 -0.25 13.73 -11.85
C GLN B 180 -1.61 14.04 -11.24
N GLU B 181 -1.92 13.39 -10.12
CA GLU B 181 -3.23 13.50 -9.51
C GLU B 181 -3.12 13.31 -8.01
N GLY B 182 -4.13 13.80 -7.30
CA GLY B 182 -4.24 13.61 -5.86
C GLY B 182 -5.34 12.62 -5.54
N ASN B 183 -5.10 11.81 -4.53
CA ASN B 183 -6.06 10.77 -4.14
C ASN B 183 -7.36 11.40 -3.68
N THR B 184 -8.44 10.62 -3.74
CA THR B 184 -9.75 11.11 -3.36
C THR B 184 -9.88 11.19 -1.84
N MET B 185 -10.74 12.10 -1.38
CA MET B 185 -11.07 12.23 0.03
C MET B 185 -12.57 12.04 0.23
N LYS B 186 -12.93 11.50 1.39
CA LYS B 186 -14.33 11.31 1.75
C LYS B 186 -15.01 12.66 1.90
N THR B 187 -16.20 12.78 1.31
CA THR B 187 -17.03 13.97 1.40
C THR B 187 -18.35 13.61 2.08
N ASN B 188 -19.31 14.54 2.02
CA ASN B 188 -20.60 14.36 2.68
C ASN B 188 -21.24 13.02 2.31
N ASP B 189 -21.31 12.71 1.02
CA ASP B 189 -21.99 11.50 0.59
C ASP B 189 -21.16 10.66 -0.37
N THR B 190 -20.30 11.31 -1.15
CA THR B 190 -19.58 10.65 -2.25
C THR B 190 -18.14 11.15 -2.23
N TYR B 191 -17.43 10.92 -3.33
CA TYR B 191 -16.01 11.23 -3.43
C TYR B 191 -15.77 12.36 -4.41
N MET B 192 -14.55 12.90 -4.38
CA MET B 192 -14.12 13.92 -5.31
C MET B 192 -12.64 13.71 -5.60
N LYS B 193 -12.21 14.18 -6.77
CA LYS B 193 -10.83 13.98 -7.19
C LYS B 193 -10.48 15.00 -8.25
N PHE B 194 -9.22 15.45 -8.25
CA PHE B 194 -8.73 16.39 -9.24
C PHE B 194 -7.38 15.90 -9.76
N SER B 195 -7.12 16.19 -11.03
CA SER B 195 -5.86 15.83 -11.65
C SER B 195 -5.36 17.00 -12.50
N TRP B 196 -4.06 17.24 -12.44
CA TRP B 196 -3.43 18.33 -13.19
C TRP B 196 -2.38 17.78 -14.13
N LEU B 197 -2.26 18.41 -15.29
CA LEU B 197 -1.35 17.98 -16.33
C LEU B 197 -0.46 19.14 -16.76
N THR B 198 0.79 18.84 -17.05
CA THR B 198 1.75 19.80 -17.58
C THR B 198 2.03 19.49 -19.04
N VAL B 199 2.00 20.52 -19.88
CA VAL B 199 2.17 20.38 -21.32
C VAL B 199 3.35 21.24 -21.75
N PRO B 200 4.28 20.72 -22.57
CA PRO B 200 5.39 21.55 -23.03
C PRO B 200 4.99 22.51 -24.13
N GLU B 201 5.96 23.21 -24.71
CA GLU B 201 5.67 24.15 -25.79
C GLU B 201 5.10 23.43 -27.01
N LYS B 202 5.62 22.23 -27.31
CA LYS B 202 5.15 21.51 -28.49
C LYS B 202 3.68 21.13 -28.38
N SER B 203 3.22 20.71 -27.21
CA SER B 203 1.82 20.42 -27.00
C SER B 203 1.02 21.64 -26.59
N LEU B 204 1.67 22.80 -26.42
CA LEU B 204 0.99 24.01 -26.00
C LEU B 204 -0.06 24.44 -27.02
N ASP B 205 0.27 24.34 -28.31
CA ASP B 205 -0.66 24.74 -29.36
C ASP B 205 -1.56 23.58 -29.79
N LYS B 206 -2.20 22.95 -28.80
CA LYS B 206 -3.16 21.89 -29.05
C LYS B 206 -4.31 22.03 -28.07
N GLU B 207 -5.46 21.48 -28.46
CA GLU B 207 -6.65 21.50 -27.62
C GLU B 207 -6.70 20.20 -26.82
N HIS B 208 -6.68 20.31 -25.51
CA HIS B 208 -6.64 19.15 -24.64
C HIS B 208 -8.03 18.87 -24.05
N ARG B 209 -8.27 17.59 -23.76
CA ARG B 209 -9.49 17.17 -23.08
C ARG B 209 -9.12 16.22 -21.94
N CYS B 210 -9.98 16.19 -20.94
CA CYS B 210 -9.79 15.34 -19.77
C CYS B 210 -10.66 14.09 -19.91
N ILE B 211 -10.02 12.92 -19.93
CA ILE B 211 -10.71 11.65 -20.07
C ILE B 211 -10.88 11.04 -18.70
N VAL B 212 -12.12 10.72 -18.35
CA VAL B 212 -12.44 10.08 -17.08
C VAL B 212 -13.24 8.82 -17.38
N ARG B 213 -12.81 7.71 -16.79
CA ARG B 213 -13.46 6.42 -16.93
C ARG B 213 -14.15 6.08 -15.62
N HIS B 214 -15.45 5.79 -15.69
CA HIS B 214 -16.23 5.52 -14.49
C HIS B 214 -17.37 4.58 -14.84
N GLU B 215 -17.76 3.76 -13.86
CA GLU B 215 -18.84 2.80 -14.10
C GLU B 215 -20.18 3.50 -14.26
N ASN B 216 -20.43 4.55 -13.47
CA ASN B 216 -21.70 5.25 -13.50
C ASN B 216 -21.67 6.50 -14.38
N ASN B 217 -20.90 6.47 -15.45
CA ASN B 217 -20.95 7.54 -16.44
C ASN B 217 -22.26 7.46 -17.22
N LYS B 218 -22.65 8.60 -17.80
CA LYS B 218 -23.86 8.63 -18.62
C LYS B 218 -23.65 7.85 -19.91
N ASN B 219 -24.65 7.03 -20.25
CA ASN B 219 -24.68 6.26 -21.49
C ASN B 219 -23.56 5.22 -21.58
N GLY B 220 -22.90 4.94 -20.46
CA GLY B 220 -21.86 3.93 -20.46
C GLY B 220 -20.63 4.25 -21.29
N VAL B 221 -20.37 5.53 -21.54
CA VAL B 221 -19.25 5.96 -22.37
C VAL B 221 -18.38 6.91 -21.56
N ASP B 222 -17.10 6.96 -21.89
CA ASP B 222 -16.17 7.83 -21.16
C ASP B 222 -16.56 9.28 -21.34
N GLN B 223 -16.61 10.02 -20.23
CA GLN B 223 -16.95 11.43 -20.28
C GLN B 223 -15.78 12.23 -20.85
N GLU B 224 -16.11 13.28 -21.60
CA GLU B 224 -15.12 14.15 -22.21
C GLU B 224 -15.45 15.60 -21.92
N ILE B 225 -14.45 16.34 -21.45
CA ILE B 225 -14.55 17.77 -21.22
C ILE B 225 -13.37 18.44 -21.90
N ILE B 226 -13.62 19.49 -22.66
CA ILE B 226 -12.64 20.08 -23.56
C ILE B 226 -12.00 21.28 -22.90
N PHE B 227 -10.67 21.31 -22.88
CA PHE B 227 -9.92 22.47 -22.43
C PHE B 227 -9.52 23.28 -23.64
N PRO B 228 -9.93 24.54 -23.75
CA PRO B 228 -9.55 25.36 -24.92
C PRO B 228 -8.03 25.46 -25.04
N PRO B 229 -7.50 25.41 -26.27
CA PRO B 229 -6.05 25.36 -26.43
C PRO B 229 -5.38 26.65 -25.99
N ILE B 230 -4.14 26.51 -25.51
CA ILE B 230 -3.37 27.69 -25.12
C ILE B 230 -3.10 28.57 -26.34
N LYS B 231 -2.70 27.95 -27.45
CA LYS B 231 -2.34 28.62 -28.70
C LYS B 231 -1.60 29.94 -28.49
N GLN C 1 20.46 -16.19 17.79
CA GLN C 1 21.17 -15.33 18.73
C GLN C 1 21.44 -13.98 18.10
N VAL C 2 20.61 -12.99 18.45
CA VAL C 2 20.73 -11.62 17.95
C VAL C 2 20.75 -10.68 19.13
N GLN C 3 21.67 -9.72 19.12
CA GLN C 3 21.81 -8.76 20.20
C GLN C 3 21.43 -7.36 19.70
N LEU C 4 20.69 -6.63 20.53
CA LEU C 4 20.32 -5.24 20.26
C LEU C 4 20.76 -4.43 21.48
N GLN C 5 22.01 -4.00 21.46
CA GLN C 5 22.58 -3.28 22.60
C GLN C 5 21.95 -1.89 22.73
N GLN C 6 21.69 -1.49 23.97
CA GLN C 6 21.04 -0.22 24.26
C GLN C 6 21.50 0.25 25.63
N PRO C 7 21.74 1.55 25.80
CA PRO C 7 22.30 2.04 27.07
C PRO C 7 21.39 1.77 28.26
N GLY C 8 21.97 1.98 29.44
CA GLY C 8 21.25 1.75 30.68
C GLY C 8 20.17 2.77 30.96
N ALA C 9 20.57 4.01 31.23
CA ALA C 9 19.62 5.07 31.58
C ALA C 9 20.26 6.42 31.31
N GLU C 10 19.42 7.45 31.22
CA GLU C 10 19.88 8.80 30.99
C GLU C 10 19.04 9.78 31.82
N LEU C 11 19.70 10.80 32.36
CA LEU C 11 19.04 11.87 33.09
C LEU C 11 19.43 13.20 32.46
N VAL C 12 18.42 13.99 32.10
CA VAL C 12 18.63 15.27 31.43
C VAL C 12 17.76 16.34 32.07
N LYS C 13 18.12 17.60 31.79
CA LYS C 13 17.38 18.75 32.28
C LYS C 13 16.11 18.96 31.48
N PRO C 14 15.07 19.54 32.08
CA PRO C 14 13.87 19.88 31.31
C PRO C 14 14.19 20.88 30.21
N GLY C 15 13.53 20.70 29.07
CA GLY C 15 13.78 21.55 27.92
C GLY C 15 15.03 21.21 27.12
N ALA C 16 15.72 20.12 27.45
CA ALA C 16 16.92 19.71 26.75
C ALA C 16 16.58 18.64 25.71
N SER C 17 17.61 18.04 25.12
CA SER C 17 17.44 17.03 24.09
C SER C 17 18.22 15.77 24.48
N VAL C 18 17.70 14.62 24.04
CA VAL C 18 18.29 13.31 24.36
C VAL C 18 18.51 12.55 23.06
N LYS C 19 19.67 11.92 22.94
CA LYS C 19 19.98 11.07 21.80
C LYS C 19 20.15 9.64 22.28
N LEU C 20 19.20 8.78 21.96
CA LEU C 20 19.24 7.37 22.31
C LEU C 20 19.74 6.57 21.12
N SER C 21 20.69 5.67 21.38
CA SER C 21 21.34 4.91 20.32
C SER C 21 21.17 3.42 20.58
N CYS C 22 20.73 2.69 19.57
CA CYS C 22 20.57 1.24 19.63
C CYS C 22 21.50 0.60 18.62
N LYS C 23 22.36 -0.30 19.08
CA LYS C 23 23.33 -0.96 18.22
C LYS C 23 22.90 -2.39 17.97
N ALA C 24 22.80 -2.75 16.69
CA ALA C 24 22.41 -4.10 16.29
C ALA C 24 23.63 -4.94 15.94
N SER C 25 23.52 -6.25 16.17
CA SER C 25 24.61 -7.16 15.90
C SER C 25 24.06 -8.54 15.59
N GLY C 26 24.87 -9.35 14.92
CA GLY C 26 24.49 -10.71 14.60
C GLY C 26 23.80 -10.87 13.26
N TYR C 27 22.63 -10.26 13.13
CA TYR C 27 21.84 -10.38 11.91
C TYR C 27 22.27 -9.33 10.87
N THR C 28 21.80 -9.52 9.64
CA THR C 28 22.08 -8.57 8.58
C THR C 28 21.29 -7.29 8.82
N PHE C 29 22.00 -6.19 9.07
CA PHE C 29 21.33 -4.95 9.45
C PHE C 29 20.43 -4.42 8.36
N THR C 30 20.78 -4.65 7.09
CA THR C 30 20.09 -4.01 5.98
C THR C 30 18.65 -4.51 5.85
N ASN C 31 18.41 -5.78 6.12
CA ASN C 31 17.14 -6.39 5.74
C ASN C 31 15.99 -5.95 6.64
N HIS C 32 16.21 -5.89 7.94
CA HIS C 32 15.12 -5.83 8.91
C HIS C 32 14.84 -4.39 9.36
N TRP C 33 13.56 -4.10 9.56
CA TRP C 33 13.12 -2.81 10.10
C TRP C 33 13.55 -2.67 11.56
N ILE C 34 13.48 -1.44 12.06
CA ILE C 34 13.75 -1.15 13.46
C ILE C 34 12.71 -0.15 13.95
N SER C 35 12.16 -0.41 15.13
CA SER C 35 11.12 0.44 15.70
C SER C 35 11.51 0.84 17.12
N TRP C 36 10.94 1.96 17.56
CA TRP C 36 11.15 2.47 18.92
C TRP C 36 9.83 2.53 19.65
N VAL C 37 9.79 1.92 20.83
CA VAL C 37 8.58 1.76 21.63
C VAL C 37 8.80 2.43 22.97
N LYS C 38 7.83 3.21 23.43
CA LYS C 38 7.91 3.96 24.67
C LYS C 38 7.03 3.30 25.72
N GLN C 39 7.59 3.07 26.91
CA GLN C 39 6.87 2.44 28.01
C GLN C 39 7.03 3.27 29.28
N ARG C 40 5.95 3.40 30.03
CA ARG C 40 5.93 4.19 31.25
C ARG C 40 5.61 3.29 32.44
N PRO C 41 5.68 3.79 33.68
CA PRO C 41 5.08 3.06 34.80
C PRO C 41 3.57 3.23 34.80
N GLY C 42 2.84 2.11 34.85
CA GLY C 42 1.40 2.16 34.75
C GLY C 42 0.97 2.68 33.40
N GLN C 43 1.19 1.86 32.37
CA GLN C 43 1.24 2.34 30.99
C GLN C 43 0.38 1.50 30.08
N GLY C 44 0.25 2.00 28.85
CA GLY C 44 -0.17 1.23 27.70
C GLY C 44 0.79 1.54 26.57
N LEU C 45 1.44 0.52 26.01
CA LEU C 45 2.60 0.73 25.14
C LEU C 45 2.24 1.57 23.91
N GLU C 46 3.15 2.48 23.55
CA GLU C 46 2.99 3.34 22.39
C GLU C 46 4.14 3.10 21.43
N TRP C 47 3.84 3.12 20.13
CA TRP C 47 4.85 3.03 19.08
C TRP C 47 5.18 4.43 18.60
N ILE C 48 6.46 4.79 18.64
CA ILE C 48 6.86 6.15 18.29
C ILE C 48 7.16 6.26 16.79
N GLY C 49 7.98 5.36 16.27
CA GLY C 49 8.30 5.40 14.84
C GLY C 49 9.13 4.19 14.45
N ASN C 50 9.38 4.10 13.14
CA ASN C 50 10.15 2.98 12.60
C ASN C 50 10.96 3.48 11.41
N ILE C 51 12.03 2.75 11.11
CA ILE C 51 12.92 3.16 10.02
C ILE C 51 13.57 1.95 9.37
N PHE C 52 13.40 1.84 8.05
CA PHE C 52 14.17 0.85 7.31
C PHE C 52 15.60 1.33 7.15
N PRO C 53 16.59 0.45 7.32
CA PRO C 53 17.99 0.87 7.16
C PRO C 53 18.25 1.39 5.75
N GLY C 54 19.07 2.44 5.67
CA GLY C 54 19.34 3.08 4.39
C GLY C 54 18.12 3.75 3.78
N SER C 55 17.31 4.41 4.60
CA SER C 55 16.10 5.07 4.13
C SER C 55 16.06 6.49 4.68
N SER C 56 15.15 7.28 4.13
CA SER C 56 14.96 8.66 4.53
C SER C 56 13.47 8.91 4.74
N SER C 57 13.17 9.92 5.55
CA SER C 57 11.80 10.24 5.94
C SER C 57 11.08 9.01 6.53
N PRO C 58 11.55 8.49 7.65
CA PRO C 58 10.89 7.33 8.25
C PRO C 58 9.52 7.68 8.80
N ASN C 59 8.67 6.66 8.92
CA ASN C 59 7.33 6.87 9.45
C ASN C 59 7.39 7.24 10.92
N TYR C 60 6.47 8.12 11.33
CA TYR C 60 6.42 8.62 12.70
C TYR C 60 5.00 8.57 13.22
N ASN C 61 4.87 8.47 14.53
CA ASN C 61 3.55 8.51 15.16
C ASN C 61 3.02 9.95 15.15
N GLU C 62 1.69 10.08 15.10
CA GLU C 62 1.07 11.40 15.09
C GLU C 62 1.25 12.13 16.41
N LYS C 63 1.49 11.40 17.50
CA LYS C 63 1.73 12.00 18.80
C LYS C 63 3.21 12.21 19.11
N PHE C 64 4.10 11.81 18.20
CA PHE C 64 5.54 11.97 18.41
C PHE C 64 6.24 12.51 17.17
N LYS C 65 5.50 12.98 16.16
CA LYS C 65 6.14 13.41 14.92
C LYS C 65 7.03 14.62 15.14
N SER C 66 6.57 15.59 15.92
CA SER C 66 7.32 16.83 16.11
C SER C 66 8.51 16.66 17.05
N LYS C 67 8.45 15.71 17.98
CA LYS C 67 9.44 15.59 19.02
C LYS C 67 10.44 14.46 18.79
N ALA C 68 10.19 13.55 17.85
CA ALA C 68 11.05 12.40 17.61
C ALA C 68 11.63 12.46 16.21
N THR C 69 12.88 12.01 16.08
CA THR C 69 13.56 11.97 14.79
C THR C 69 14.49 10.76 14.78
N LEU C 70 14.19 9.77 13.94
CA LEU C 70 14.94 8.53 13.87
C LEU C 70 15.91 8.57 12.69
N THR C 71 17.16 8.18 12.94
CA THR C 71 18.16 8.04 11.91
C THR C 71 18.96 6.77 12.16
N VAL C 72 19.52 6.21 11.09
CA VAL C 72 20.33 5.00 11.15
C VAL C 72 21.65 5.26 10.46
N ASP C 73 22.64 4.43 10.78
CA ASP C 73 23.94 4.48 10.13
C ASP C 73 24.35 3.05 9.83
N THR C 74 24.32 2.68 8.55
CA THR C 74 24.68 1.32 8.15
C THR C 74 26.13 1.02 8.49
N SER C 75 27.02 2.00 8.29
CA SER C 75 28.43 1.80 8.64
C SER C 75 28.60 1.58 10.13
N SER C 76 27.90 2.37 10.95
CA SER C 76 27.94 2.18 12.40
C SER C 76 27.12 0.98 12.84
N SER C 77 26.20 0.51 11.99
CA SER C 77 25.29 -0.58 12.34
C SER C 77 24.49 -0.26 13.60
N THR C 78 24.10 1.00 13.74
CA THR C 78 23.37 1.47 14.91
C THR C 78 22.15 2.26 14.46
N ALA C 79 21.14 2.31 15.33
CA ALA C 79 19.94 3.09 15.12
C ALA C 79 19.85 4.16 16.20
N TYR C 80 19.67 5.40 15.79
CA TYR C 80 19.67 6.54 16.70
C TYR C 80 18.28 7.13 16.83
N MET C 81 17.98 7.67 18.00
CA MET C 81 16.74 8.38 18.25
C MET C 81 17.05 9.71 18.92
N GLN C 82 16.36 10.76 18.48
CA GLN C 82 16.52 12.09 19.03
C GLN C 82 15.17 12.59 19.55
N LEU C 83 15.15 13.01 20.81
CA LEU C 83 13.96 13.55 21.45
C LEU C 83 14.26 14.97 21.90
N SER C 84 13.39 15.91 21.52
CA SER C 84 13.60 17.32 21.81
C SER C 84 12.30 17.94 22.31
N SER C 85 12.42 19.13 22.89
CA SER C 85 11.29 19.87 23.45
C SER C 85 10.54 19.03 24.47
N LEU C 86 11.29 18.35 25.33
CA LEU C 86 10.70 17.44 26.30
C LEU C 86 9.95 18.20 27.39
N THR C 87 9.10 17.48 28.10
CA THR C 87 8.27 18.02 29.16
C THR C 87 8.46 17.21 30.44
N SER C 88 7.59 17.46 31.42
CA SER C 88 7.66 16.73 32.68
C SER C 88 7.19 15.28 32.52
N ASP C 89 6.13 15.07 31.75
CA ASP C 89 5.56 13.74 31.59
C ASP C 89 6.30 12.88 30.59
N ALA C 90 7.25 13.44 29.85
CA ALA C 90 8.01 12.66 28.88
C ALA C 90 9.16 11.93 29.56
N SER C 91 8.86 11.20 30.63
CA SER C 91 9.82 10.36 31.33
C SER C 91 9.30 8.92 31.28
N ALA C 92 10.03 8.06 30.60
CA ALA C 92 9.54 6.72 30.29
C ALA C 92 10.72 5.83 29.96
N VAL C 93 10.44 4.65 29.43
CA VAL C 93 11.45 3.70 28.98
C VAL C 93 11.25 3.47 27.49
N TYR C 94 12.33 3.61 26.72
CA TYR C 94 12.28 3.54 25.26
C TYR C 94 13.09 2.33 24.80
N TYR C 95 12.43 1.42 24.07
CA TYR C 95 13.05 0.20 23.60
C TYR C 95 13.26 0.27 22.09
N CYS C 96 14.27 -0.45 21.61
CA CYS C 96 14.50 -0.63 20.18
C CYS C 96 14.24 -2.08 19.83
N THR C 97 13.51 -2.31 18.73
CA THR C 97 13.07 -3.63 18.34
C THR C 97 13.47 -3.90 16.90
N ARG C 98 13.54 -5.18 16.56
CA ARG C 98 13.83 -5.64 15.21
C ARG C 98 12.64 -6.40 14.68
N TRP C 99 12.21 -6.09 13.46
CA TRP C 99 10.99 -6.65 12.87
C TRP C 99 11.35 -7.91 12.06
N GLY C 100 10.88 -9.07 12.52
CA GLY C 100 11.00 -10.26 11.70
C GLY C 100 10.13 -10.15 10.46
N ASN C 101 10.62 -10.69 9.35
CA ASN C 101 10.06 -10.33 8.06
C ASN C 101 9.41 -11.48 7.30
N TYR C 102 10.09 -12.62 7.15
CA TYR C 102 9.59 -13.64 6.23
C TYR C 102 8.25 -14.21 6.68
N GLY C 103 8.23 -14.93 7.79
CA GLY C 103 7.01 -15.54 8.28
C GLY C 103 6.56 -14.93 9.59
N TYR C 104 7.45 -14.16 10.21
CA TYR C 104 7.09 -13.44 11.42
C TYR C 104 6.06 -12.35 11.15
N TYR C 105 6.05 -11.80 9.94
CA TYR C 105 5.08 -10.77 9.54
C TYR C 105 5.17 -9.54 10.44
N TYR C 106 6.39 -9.01 10.54
CA TYR C 106 6.67 -7.77 11.27
C TYR C 106 6.27 -7.90 12.74
N ALA C 107 6.84 -8.91 13.40
CA ALA C 107 6.72 -9.08 14.85
C ALA C 107 8.07 -8.73 15.47
N MET C 108 8.03 -7.90 16.52
CA MET C 108 9.25 -7.41 17.16
C MET C 108 9.86 -8.56 17.96
N ASP C 109 10.59 -9.41 17.24
CA ASP C 109 11.09 -10.65 17.83
C ASP C 109 12.22 -10.40 18.82
N TYR C 110 13.15 -9.52 18.49
CA TYR C 110 14.26 -9.19 19.39
C TYR C 110 14.10 -7.76 19.91
N TRP C 111 14.23 -7.59 21.22
CA TRP C 111 14.02 -6.33 21.89
C TRP C 111 15.29 -5.88 22.57
N GLY C 112 15.41 -4.57 22.76
CA GLY C 112 16.50 -4.03 23.56
C GLY C 112 16.15 -3.98 25.04
N GLN C 113 17.19 -3.85 25.87
CA GLN C 113 16.98 -3.79 27.31
C GLN C 113 16.30 -2.49 27.74
N GLY C 114 16.33 -1.45 26.92
CA GLY C 114 15.61 -0.23 27.21
C GLY C 114 16.44 0.78 27.97
N THR C 115 16.08 2.05 27.80
CA THR C 115 16.68 3.16 28.52
C THR C 115 15.62 3.85 29.35
N SER C 116 15.88 4.00 30.65
CA SER C 116 14.99 4.73 31.54
C SER C 116 15.42 6.18 31.57
N VAL C 117 14.58 7.08 31.05
CA VAL C 117 14.89 8.49 30.96
C VAL C 117 13.91 9.24 31.85
N THR C 118 14.45 10.04 32.77
CA THR C 118 13.63 10.84 33.68
C THR C 118 14.17 12.25 33.73
N VAL C 119 13.29 13.20 34.03
CA VAL C 119 13.64 14.61 34.07
C VAL C 119 13.18 15.25 35.37
N GLN D 1 -6.18 1.58 10.85
CA GLN D 1 -6.27 1.88 12.27
C GLN D 1 -7.14 0.85 12.98
N ILE D 2 -6.53 0.08 13.87
CA ILE D 2 -7.22 -0.95 14.64
C ILE D 2 -7.01 -0.66 16.11
N VAL D 3 -8.09 -0.66 16.88
CA VAL D 3 -8.02 -0.46 18.32
C VAL D 3 -8.02 -1.83 18.98
N LEU D 4 -6.96 -2.11 19.74
CA LEU D 4 -6.82 -3.37 20.45
C LEU D 4 -7.15 -3.15 21.92
N THR D 5 -8.14 -3.89 22.42
CA THR D 5 -8.60 -3.78 23.80
C THR D 5 -8.46 -5.12 24.48
N GLN D 6 -7.80 -5.14 25.64
CA GLN D 6 -7.60 -6.35 26.42
C GLN D 6 -8.42 -6.23 27.70
N SER D 7 -9.31 -7.19 27.92
CA SER D 7 -10.15 -7.22 29.11
C SER D 7 -10.17 -8.63 29.69
N PRO D 8 -10.11 -8.76 31.03
CA PRO D 8 -10.01 -7.65 31.97
C PRO D 8 -8.58 -7.11 32.11
N ALA D 9 -8.43 -5.93 32.72
CA ALA D 9 -7.11 -5.34 32.88
C ALA D 9 -6.24 -6.19 33.78
N ILE D 10 -6.76 -6.58 34.94
CA ILE D 10 -6.06 -7.45 35.88
C ILE D 10 -6.94 -8.67 36.09
N MET D 11 -6.40 -9.86 35.85
CA MET D 11 -7.15 -11.10 35.95
C MET D 11 -6.42 -12.04 36.89
N SER D 12 -7.19 -12.75 37.71
CA SER D 12 -6.65 -13.68 38.70
C SER D 12 -6.84 -15.12 38.22
N ALA D 13 -5.74 -15.87 38.18
CA ALA D 13 -5.77 -17.26 37.77
C ALA D 13 -4.92 -18.08 38.73
N SER D 14 -5.55 -19.02 39.43
CA SER D 14 -4.81 -19.86 40.37
C SER D 14 -3.87 -20.80 39.62
N LEU D 15 -2.85 -21.26 40.34
CA LEU D 15 -1.86 -22.13 39.72
C LEU D 15 -2.48 -23.48 39.38
N GLY D 16 -2.05 -24.04 38.24
CA GLY D 16 -2.42 -25.38 37.86
C GLY D 16 -3.53 -25.50 36.84
N GLU D 17 -4.30 -24.45 36.62
CA GLU D 17 -5.43 -24.48 35.69
C GLU D 17 -5.06 -23.74 34.42
N GLU D 18 -5.31 -24.35 33.27
CA GLU D 18 -5.07 -23.69 32.00
C GLU D 18 -6.06 -22.56 31.81
N ILE D 19 -5.56 -21.36 31.50
CA ILE D 19 -6.40 -20.19 31.32
C ILE D 19 -6.02 -19.52 30.00
N THR D 20 -6.96 -18.76 29.46
CA THR D 20 -6.82 -18.14 28.14
C THR D 20 -6.75 -16.63 28.29
N LEU D 21 -5.77 -16.02 27.65
CA LEU D 21 -5.64 -14.57 27.58
C LEU D 21 -6.20 -14.09 26.25
N THR D 22 -7.06 -13.06 26.31
CA THR D 22 -7.83 -12.65 25.15
C THR D 22 -7.45 -11.22 24.74
N CYS D 23 -7.33 -11.02 23.43
CA CYS D 23 -7.13 -9.70 22.84
C CYS D 23 -8.20 -9.47 21.78
N SER D 24 -8.87 -8.33 21.87
CA SER D 24 -9.96 -7.99 20.97
C SER D 24 -9.57 -6.80 20.10
N ALA D 25 -10.18 -6.71 18.93
CA ALA D 25 -9.85 -5.68 17.95
C ALA D 25 -11.12 -4.96 17.51
N SER D 26 -10.95 -3.72 17.06
CA SER D 26 -12.08 -2.97 16.50
C SER D 26 -12.40 -3.42 15.08
N SER D 27 -11.39 -3.85 14.32
CA SER D 27 -11.57 -4.29 12.95
C SER D 27 -10.93 -5.65 12.73
N ARG D 28 -10.83 -6.08 11.47
CA ARG D 28 -10.23 -7.35 11.14
C ARG D 28 -8.73 -7.19 10.93
N VAL D 29 -7.96 -8.05 11.59
CA VAL D 29 -6.50 -8.05 11.47
C VAL D 29 -6.05 -9.45 11.05
N ASN D 30 -5.08 -9.50 10.13
CA ASN D 30 -4.67 -10.78 9.57
C ASN D 30 -3.90 -11.62 10.58
N TYR D 31 -2.80 -11.09 11.10
CA TYR D 31 -1.93 -11.83 12.00
C TYR D 31 -1.69 -11.00 13.26
N MET D 32 -1.68 -11.67 14.41
CA MET D 32 -1.49 -10.99 15.68
C MET D 32 -0.40 -11.68 16.49
N HIS D 33 0.33 -10.89 17.27
CA HIS D 33 1.53 -11.34 17.96
C HIS D 33 1.34 -11.11 19.45
N TRP D 34 2.00 -11.95 20.26
CA TRP D 34 1.85 -11.87 21.70
C TRP D 34 3.21 -11.72 22.37
N TYR D 35 3.27 -10.83 23.36
CA TYR D 35 4.50 -10.49 24.05
C TYR D 35 4.32 -10.69 25.55
N GLN D 36 5.37 -11.18 26.21
CA GLN D 36 5.39 -11.37 27.65
C GLN D 36 6.45 -10.45 28.25
N GLN D 37 6.06 -9.65 29.23
CA GLN D 37 6.97 -8.78 29.96
C GLN D 37 6.87 -9.10 31.44
N LYS D 38 7.94 -9.64 31.99
CA LYS D 38 7.97 -10.01 33.40
C LYS D 38 8.22 -8.77 34.26
N SER D 39 8.51 -8.98 35.54
CA SER D 39 8.74 -7.88 36.47
C SER D 39 10.11 -7.28 36.20
N GLY D 40 10.14 -6.04 35.72
CA GLY D 40 11.39 -5.35 35.48
C GLY D 40 12.25 -5.95 34.38
N THR D 41 11.64 -6.40 33.29
CA THR D 41 12.39 -6.94 32.16
C THR D 41 11.76 -6.43 30.87
N SER D 42 12.58 -6.35 29.83
CA SER D 42 12.07 -5.95 28.53
C SER D 42 11.12 -7.02 27.99
N PRO D 43 10.13 -6.63 27.19
CA PRO D 43 9.18 -7.61 26.67
C PRO D 43 9.88 -8.66 25.81
N LYS D 44 9.36 -9.88 25.87
CA LYS D 44 9.83 -10.97 25.04
C LYS D 44 8.73 -11.37 24.07
N LEU D 45 9.10 -12.14 23.05
CA LEU D 45 8.15 -12.65 22.07
C LEU D 45 7.87 -14.12 22.37
N LEU D 46 6.61 -14.44 22.62
CA LEU D 46 6.22 -15.82 22.88
C LEU D 46 5.62 -16.47 21.65
N ILE D 47 4.54 -15.87 21.15
CA ILE D 47 3.76 -16.44 20.06
C ILE D 47 3.73 -15.42 18.93
N TYR D 48 4.34 -15.76 17.81
CA TYR D 48 4.41 -14.88 16.66
C TYR D 48 3.51 -15.40 15.55
N SER D 49 2.86 -14.48 14.86
CA SER D 49 2.03 -14.77 13.69
C SER D 49 0.97 -15.82 14.00
N THR D 50 0.04 -15.43 14.88
CA THR D 50 -1.20 -16.15 15.17
C THR D 50 -0.95 -17.65 15.39
N SER D 51 -0.34 -17.93 16.55
CA SER D 51 -0.14 -19.25 17.15
C SER D 51 1.04 -20.04 16.59
N ASN D 52 1.93 -19.41 15.84
CA ASN D 52 3.25 -19.98 15.68
C ASN D 52 4.07 -19.67 16.93
N LEU D 53 4.93 -20.60 17.31
CA LEU D 53 5.64 -20.54 18.58
C LEU D 53 7.08 -20.09 18.39
N ALA D 54 7.47 -19.05 19.12
CA ALA D 54 8.79 -18.47 18.97
C ALA D 54 9.86 -19.37 19.58
N SER D 55 11.08 -19.24 19.06
CA SER D 55 12.17 -20.09 19.51
C SER D 55 12.51 -19.81 20.97
N GLY D 56 12.89 -20.87 21.69
CA GLY D 56 13.28 -20.74 23.08
C GLY D 56 12.14 -20.69 24.07
N VAL D 57 10.90 -20.79 23.61
CA VAL D 57 9.73 -20.70 24.48
C VAL D 57 9.28 -22.12 24.82
N PRO D 58 8.90 -22.40 26.07
CA PRO D 58 8.33 -23.72 26.39
C PRO D 58 7.10 -24.00 25.54
N SER D 59 6.95 -25.26 25.14
CA SER D 59 5.93 -25.65 24.18
C SER D 59 4.51 -25.52 24.73
N ARG D 60 4.36 -25.29 26.03
CA ARG D 60 3.05 -25.19 26.66
C ARG D 60 2.40 -23.83 26.46
N PHE D 61 3.03 -22.91 25.72
CA PHE D 61 2.44 -21.62 25.37
C PHE D 61 1.94 -21.70 23.93
N SER D 62 0.62 -21.63 23.75
CA SER D 62 0.00 -21.70 22.43
C SER D 62 -1.11 -20.69 22.32
N GLY D 63 -1.34 -20.20 21.11
CA GLY D 63 -2.35 -19.18 20.85
C GLY D 63 -3.46 -19.70 19.96
N SER D 64 -4.59 -19.00 19.98
CA SER D 64 -5.73 -19.33 19.13
C SER D 64 -6.51 -18.07 18.81
N GLY D 65 -6.80 -17.87 17.53
CA GLY D 65 -7.56 -16.71 17.12
C GLY D 65 -7.82 -16.74 15.63
N SER D 66 -8.84 -15.97 15.23
CA SER D 66 -9.20 -15.86 13.82
C SER D 66 -10.09 -14.63 13.66
N GLY D 67 -9.99 -14.01 12.49
CA GLY D 67 -10.79 -12.83 12.20
C GLY D 67 -10.44 -11.65 13.09
N THR D 68 -11.33 -11.32 14.02
CA THR D 68 -11.15 -10.20 14.93
C THR D 68 -10.76 -10.63 16.34
N PHE D 69 -11.40 -11.66 16.88
CA PHE D 69 -11.14 -12.10 18.24
C PHE D 69 -9.93 -13.03 18.26
N TYR D 70 -8.94 -12.71 19.08
CA TYR D 70 -7.74 -13.53 19.23
C TYR D 70 -7.53 -13.85 20.70
N SER D 71 -6.85 -14.97 20.95
CA SER D 71 -6.64 -15.42 22.31
C SER D 71 -5.28 -16.11 22.43
N LEU D 72 -4.78 -16.18 23.67
CA LEU D 72 -3.54 -16.87 23.99
C LEU D 72 -3.81 -17.82 25.13
N THR D 73 -3.27 -19.03 25.04
CA THR D 73 -3.57 -20.11 25.99
C THR D 73 -2.28 -20.61 26.63
N ILE D 74 -2.35 -20.84 27.94
CA ILE D 74 -1.28 -21.50 28.68
C ILE D 74 -1.79 -22.85 29.17
N ILE D 75 -1.07 -23.92 28.83
CA ILE D 75 -1.50 -25.26 29.23
C ILE D 75 -1.29 -25.46 30.73
N SER D 76 -0.13 -25.07 31.24
CA SER D 76 0.21 -25.25 32.64
C SER D 76 0.70 -23.92 33.22
N VAL D 77 0.07 -23.48 34.30
CA VAL D 77 0.46 -22.25 34.97
C VAL D 77 1.50 -22.58 36.02
N GLU D 78 2.64 -21.89 35.97
CA GLU D 78 3.73 -22.07 36.91
C GLU D 78 4.03 -20.76 37.63
N ALA D 79 4.92 -20.85 38.62
CA ALA D 79 5.29 -19.65 39.38
C ALA D 79 6.00 -18.64 38.49
N GLU D 80 6.83 -19.11 37.55
CA GLU D 80 7.63 -18.24 36.71
C GLU D 80 6.81 -17.50 35.66
N ASP D 81 5.53 -17.81 35.53
CA ASP D 81 4.71 -17.23 34.46
C ASP D 81 4.14 -15.87 34.81
N ALA D 82 4.38 -15.35 36.01
CA ALA D 82 3.86 -14.05 36.39
C ALA D 82 4.51 -12.96 35.55
N ALA D 83 3.69 -12.22 34.80
CA ALA D 83 4.19 -11.21 33.87
C ALA D 83 3.00 -10.39 33.39
N ASP D 84 3.24 -9.51 32.42
CA ASP D 84 2.23 -8.68 31.80
C ASP D 84 2.25 -8.94 30.30
N TYR D 85 1.09 -9.24 29.73
CA TYR D 85 0.99 -9.75 28.36
C TYR D 85 0.30 -8.73 27.45
N TYR D 86 0.92 -8.46 26.30
CA TYR D 86 0.41 -7.51 25.33
C TYR D 86 0.21 -8.19 23.99
N CYS D 87 -0.70 -7.65 23.19
CA CYS D 87 -0.98 -8.16 21.85
C CYS D 87 -0.65 -7.06 20.84
N HIS D 88 0.08 -7.44 19.79
CA HIS D 88 0.56 -6.49 18.80
C HIS D 88 0.18 -6.96 17.41
N GLN D 89 0.00 -6.00 16.51
CA GLN D 89 -0.38 -6.29 15.13
C GLN D 89 0.19 -5.20 14.23
N TRP D 90 0.27 -5.51 12.94
CA TRP D 90 0.78 -4.59 11.94
C TRP D 90 -0.29 -4.34 10.88
N SER D 91 -0.69 -3.08 10.75
CA SER D 91 -1.69 -2.64 9.77
C SER D 91 -1.19 -1.39 9.05
N SER D 92 0.04 -1.49 8.54
CA SER D 92 0.89 -0.43 7.99
C SER D 92 1.55 0.39 9.10
N TYR D 93 1.20 0.16 10.37
CA TYR D 93 1.90 0.72 11.52
C TYR D 93 1.45 0.00 12.77
N PRO D 94 2.34 -0.22 13.75
CA PRO D 94 2.01 -1.10 14.88
C PRO D 94 0.90 -0.54 15.74
N THR D 95 0.31 -1.44 16.54
CA THR D 95 -0.71 -1.08 17.50
C THR D 95 -0.72 -2.07 18.67
N PHE D 96 -0.36 -1.60 19.85
CA PHE D 96 -0.20 -2.43 21.03
C PHE D 96 -1.50 -2.52 21.82
N GLY D 97 -1.66 -3.62 22.56
CA GLY D 97 -2.81 -3.80 23.40
C GLY D 97 -2.66 -3.12 24.75
N GLY D 98 -3.74 -3.15 25.53
CA GLY D 98 -3.74 -2.52 26.83
C GLY D 98 -2.78 -3.18 27.80
N GLY D 99 -2.76 -4.51 27.82
CA GLY D 99 -1.89 -5.25 28.71
C GLY D 99 -2.61 -5.84 29.90
N THR D 100 -2.42 -7.14 30.14
CA THR D 100 -3.07 -7.84 31.23
C THR D 100 -2.02 -8.49 32.13
N LYS D 101 -2.24 -8.37 33.43
CA LYS D 101 -1.33 -8.92 34.43
C LYS D 101 -1.77 -10.32 34.81
N LEU D 102 -0.81 -11.24 34.86
CA LEU D 102 -1.06 -12.61 35.26
C LEU D 102 -0.35 -12.86 36.59
N GLU D 103 -1.11 -13.33 37.58
CA GLU D 103 -0.60 -13.54 38.92
C GLU D 103 -0.94 -14.96 39.38
N ILE D 104 -0.16 -15.45 40.32
CA ILE D 104 -0.35 -16.80 40.84
C ILE D 104 -1.26 -16.79 42.06
#